data_1HXK
#
_entry.id   1HXK
#
_cell.length_a   68.814
_cell.length_b   109.616
_cell.length_c   138.281
_cell.angle_alpha   90.00
_cell.angle_beta   90.00
_cell.angle_gamma   90.00
#
_symmetry.space_group_name_H-M   'P 21 21 21'
#
loop_
_entity.id
_entity.type
_entity.pdbx_description
1 polymer 'ALPHA-MANNOSIDASE II'
2 non-polymer 2-acetamido-2-deoxy-beta-D-glucopyranose
3 non-polymer 'ZINC ION'
4 non-polymer 1-DEOXYMANNOJIRIMYCIN
5 non-polymer (4R)-2-METHYLPENTANE-2,4-DIOL
6 water water
#
_entity_poly.entity_id   1
_entity_poly.type   'polypeptide(L)'
_entity_poly.pdbx_seq_one_letter_code
;CQDVVQDVPNVDVQMLELYDRMSFKDIDGGVWKQGWNIKYDPLKYNAHHKLKVFVVPHSHNDPGWIQTFEEYYQHDTKHI
LSNALRHLHDNPEMKFIWAEISYFARFYHDLGENKKLQMKSIVKNGQLEFVTGGWVMPDEANSHWRNVLLQLTEGQTWLK
QFMNVTPTASWAIDPFGHSPTMPYILQKSGFKNMLIQRTHYSVKKELAQQRQLEFLWRQIWDNKGDTALFTHMMPFYSYD
IPHTCGPDPKVCCQFDFKRMGSFGLSCPWKVPPRTISDQNVAARSDLLVDQWKKKAELYRTNVLLIPLGDDFRFKQNTEW
DVQRVNYERLFEHINSQAHFNVQAQFGTLQEYFDAVHQAERAGQAEFPTLSGDFFTYADRSDNYWSGYYTSRPYHKRMDR
VLMHYVRAAEMLSAWHSWDGMARIEERLEQARRELSLFQHHDGITGTAKTHVVVDYEQRMQEALKACQMVMQQSVYRLLT
KPSIYSPDFSFSYFTLDDSRWPGSGVEDSRTTIILGEDILPSKHVVMHNTLPHWREQLVDFYVSSPFVSVTDLANNPVEA
QVSPVWSWHHDTLTKTIHPQGSTTKYRIIFKARVPPMGLATYVLTISDSKPEHTSYASNLLLRKNPTSLPLGQYPEDVKF
GDPREISLRVGNGPTLAFSEQGLLKSIQLTQDSPHVPVHFKFLKYGVRSHGDRSGAYLFLPNGPASPVELGQPVVLVTKG
KLESSVSVGLPSVVHQTIMRGGAPEIRNLVDIGSLDNTEIVMRLETHIDSGDIFYTDLNGLQFIKRRRLDKLPLQANYYP
IPSGMFIEDANTRLTLLTGQPLGGSSLASGELEIMQDRRLASDDERGLGQGVLDNKPVLHIYRLVLEKVNNCVRPSKLHP
AGYLTSAAHKASQSLLDPLDKFIFAENEWIGAQGQFGGDHPSAREDLDVSVMRRLTKSSAKTQRVGYVLHRTNLMQCGTP
EEHTQKLDVCHLLPNVARCERTTLTFLQNLEHLDGMVAPEVCPMETAAYVSSHSS
;
_entity_poly.pdbx_strand_id   A
#
loop_
_chem_comp.id
_chem_comp.type
_chem_comp.name
_chem_comp.formula
DMJ non-polymer 1-DEOXYMANNOJIRIMYCIN 'C6 H13 N O4'
MRD non-polymer (4R)-2-METHYLPENTANE-2,4-DIOL 'C6 H14 O2'
NAG D-saccharide, beta linking 2-acetamido-2-deoxy-beta-D-glucopyranose 'C8 H15 N O6'
ZN non-polymer 'ZINC ION' 'Zn 2'
#
# COMPACT_ATOMS: atom_id res chain seq x y z
N CYS A 1 1.57 28.74 2.17
CA CYS A 1 2.06 27.34 2.06
C CYS A 1 3.52 27.20 2.48
N GLN A 2 3.82 26.15 3.24
CA GLN A 2 5.18 25.90 3.67
C GLN A 2 6.03 25.45 2.48
N ASP A 3 7.29 25.81 2.50
CA ASP A 3 8.22 25.43 1.43
C ASP A 3 8.74 24.05 1.85
N VAL A 4 8.34 23.02 1.12
CA VAL A 4 8.74 21.65 1.45
C VAL A 4 10.05 21.22 0.81
N VAL A 5 10.74 22.16 0.18
CA VAL A 5 12.00 21.85 -0.49
C VAL A 5 13.26 22.50 0.07
N GLN A 6 13.17 23.80 0.33
CA GLN A 6 14.33 24.59 0.77
C GLN A 6 14.58 24.81 2.25
N ASP A 7 13.66 24.38 3.10
CA ASP A 7 13.83 24.55 4.54
C ASP A 7 13.98 23.22 5.27
N VAL A 8 15.21 22.89 5.64
CA VAL A 8 15.47 21.64 6.35
C VAL A 8 14.92 21.73 7.78
N PRO A 9 13.93 20.90 8.10
CA PRO A 9 13.34 20.92 9.45
C PRO A 9 14.36 20.68 10.55
N ASN A 10 14.20 21.38 11.66
CA ASN A 10 15.08 21.20 12.81
C ASN A 10 14.37 20.30 13.79
N VAL A 11 14.81 19.05 13.88
CA VAL A 11 14.20 18.09 14.79
C VAL A 11 15.25 17.49 15.73
N ASP A 12 14.80 17.00 16.88
CA ASP A 12 15.71 16.41 17.86
C ASP A 12 16.25 15.08 17.38
N VAL A 13 15.41 14.33 16.68
CA VAL A 13 15.81 13.02 16.16
C VAL A 13 15.41 12.93 14.69
N GLN A 14 16.38 12.72 13.82
CA GLN A 14 16.11 12.57 12.39
C GLN A 14 16.66 11.18 12.10
N MET A 15 15.77 10.26 11.75
CA MET A 15 16.19 8.87 11.55
C MET A 15 17.31 8.57 10.59
N LEU A 16 17.44 9.32 9.50
CA LEU A 16 18.54 9.05 8.56
C LEU A 16 19.84 9.45 9.25
N GLU A 17 19.81 10.58 9.97
CA GLU A 17 21.00 11.04 10.68
C GLU A 17 21.36 10.06 11.80
N LEU A 18 20.34 9.58 12.50
CA LEU A 18 20.58 8.63 13.58
C LEU A 18 21.22 7.36 13.04
N TYR A 19 20.69 6.87 11.94
CA TYR A 19 21.21 5.66 11.30
C TYR A 19 22.69 5.80 10.92
N ASP A 20 23.07 7.00 10.50
CA ASP A 20 24.44 7.26 10.09
C ASP A 20 25.40 7.14 11.28
N ARG A 21 24.94 7.56 12.46
CA ARG A 21 25.76 7.52 13.67
C ARG A 21 25.73 6.22 14.48
N MET A 22 24.58 5.55 14.52
CA MET A 22 24.44 4.30 15.25
C MET A 22 25.40 3.21 14.81
N SER A 23 25.82 2.37 15.75
CA SER A 23 26.76 1.28 15.44
C SER A 23 26.05 -0.06 15.23
N PHE A 24 24.80 -0.14 15.63
CA PHE A 24 24.00 -1.36 15.50
C PHE A 24 24.64 -2.62 16.06
N LYS A 25 25.44 -2.49 17.11
CA LYS A 25 26.07 -3.67 17.69
C LYS A 25 25.02 -4.51 18.42
N ASP A 26 25.06 -5.81 18.16
CA ASP A 26 24.10 -6.74 18.77
C ASP A 26 24.74 -7.47 19.95
N ILE A 27 24.83 -6.78 21.09
CA ILE A 27 25.43 -7.38 22.27
C ILE A 27 24.38 -7.85 23.28
N ASP A 28 24.75 -8.85 24.07
CA ASP A 28 23.88 -9.41 25.08
C ASP A 28 23.76 -8.41 26.24
N GLY A 29 22.58 -7.81 26.37
CA GLY A 29 22.38 -6.83 27.42
C GLY A 29 21.89 -7.38 28.74
N GLY A 30 21.84 -8.71 28.86
CA GLY A 30 21.37 -9.32 30.09
C GLY A 30 19.97 -9.87 29.94
N VAL A 31 19.16 -9.78 31.01
CA VAL A 31 17.78 -10.28 30.93
C VAL A 31 17.07 -9.54 29.80
N TRP A 32 17.39 -8.25 29.63
CA TRP A 32 16.84 -7.49 28.52
C TRP A 32 17.93 -7.70 27.47
N LYS A 33 17.80 -8.81 26.74
CA LYS A 33 18.80 -9.19 25.74
C LYS A 33 19.32 -8.11 24.80
N GLN A 34 18.45 -7.21 24.36
CA GLN A 34 18.88 -6.18 23.42
C GLN A 34 18.97 -4.79 24.02
N GLY A 35 19.06 -4.74 25.35
CA GLY A 35 19.17 -3.47 26.05
C GLY A 35 20.33 -3.48 27.04
N TRP A 36 20.04 -3.17 28.29
CA TRP A 36 21.04 -3.15 29.35
C TRP A 36 20.31 -3.35 30.68
N ASN A 37 21.05 -3.51 31.76
CA ASN A 37 20.43 -3.69 33.07
C ASN A 37 19.93 -2.34 33.58
N ILE A 38 18.63 -2.13 33.50
CA ILE A 38 18.05 -0.86 33.94
C ILE A 38 18.15 -0.67 35.45
N LYS A 39 18.60 0.52 35.85
CA LYS A 39 18.71 0.84 37.26
C LYS A 39 17.86 2.08 37.54
N TYR A 40 17.29 2.15 38.73
CA TYR A 40 16.46 3.29 39.08
C TYR A 40 16.63 3.67 40.55
N ASP A 41 16.35 4.94 40.86
CA ASP A 41 16.45 5.44 42.22
C ASP A 41 15.12 5.18 42.90
N PRO A 42 15.10 4.29 43.90
CA PRO A 42 13.83 4.00 44.58
C PRO A 42 13.17 5.25 45.18
N LEU A 43 13.97 6.27 45.44
CA LEU A 43 13.47 7.52 46.02
C LEU A 43 12.87 8.46 44.98
N LYS A 44 12.88 8.04 43.71
CA LYS A 44 12.33 8.88 42.65
C LYS A 44 10.83 9.11 42.86
N TYR A 45 10.13 8.05 43.28
CA TYR A 45 8.71 8.16 43.53
C TYR A 45 8.44 8.16 45.03
N ASN A 46 7.48 8.98 45.45
CA ASN A 46 7.12 9.09 46.87
C ASN A 46 5.67 9.51 47.01
N ALA A 47 5.24 9.76 48.24
CA ALA A 47 3.86 10.15 48.50
C ALA A 47 3.40 11.34 47.67
N HIS A 48 4.33 12.25 47.37
CA HIS A 48 3.98 13.44 46.60
C HIS A 48 4.18 13.25 45.10
N HIS A 49 4.78 12.14 44.71
CA HIS A 49 5.02 11.84 43.31
C HIS A 49 4.97 10.33 43.09
N LYS A 50 3.78 9.83 42.81
CA LYS A 50 3.56 8.40 42.60
C LYS A 50 3.63 7.99 41.14
N LEU A 51 3.89 6.71 40.91
CA LEU A 51 3.94 6.16 39.57
C LEU A 51 2.54 5.64 39.27
N LYS A 52 1.90 6.21 38.25
CA LYS A 52 0.56 5.80 37.86
C LYS A 52 0.72 4.74 36.77
N VAL A 53 0.22 3.55 37.04
CA VAL A 53 0.33 2.44 36.12
C VAL A 53 -1.00 2.02 35.52
N PHE A 54 -1.05 2.00 34.19
CA PHE A 54 -2.26 1.59 33.49
C PHE A 54 -2.01 0.25 32.81
N VAL A 55 -2.70 -0.79 33.28
CA VAL A 55 -2.59 -2.12 32.70
C VAL A 55 -3.71 -2.18 31.69
N VAL A 56 -3.35 -2.29 30.42
CA VAL A 56 -4.31 -2.29 29.32
C VAL A 56 -4.51 -3.65 28.65
N PRO A 57 -5.61 -4.34 28.97
CA PRO A 57 -5.91 -5.66 28.39
C PRO A 57 -6.20 -5.54 26.90
N HIS A 58 -5.64 -6.44 26.11
CA HIS A 58 -5.86 -6.42 24.68
C HIS A 58 -5.76 -7.82 24.08
N SER A 59 -6.22 -7.95 22.84
CA SER A 59 -6.20 -9.23 22.15
C SER A 59 -5.87 -8.96 20.69
N HIS A 60 -4.72 -9.45 20.23
CA HIS A 60 -4.33 -9.24 18.84
C HIS A 60 -5.05 -10.24 17.93
N ASN A 61 -5.99 -9.72 17.14
CA ASN A 61 -6.77 -10.54 16.23
C ASN A 61 -6.45 -10.27 14.77
N ASP A 62 -5.76 -11.21 14.14
CA ASP A 62 -5.38 -11.07 12.74
C ASP A 62 -6.51 -11.45 11.81
N PRO A 63 -6.93 -10.52 10.93
CA PRO A 63 -8.01 -10.79 9.97
C PRO A 63 -7.44 -11.69 8.87
N GLY A 64 -7.02 -12.88 9.29
CA GLY A 64 -6.43 -13.84 8.38
C GLY A 64 -4.92 -13.90 8.58
N TRP A 65 -4.39 -15.12 8.64
CA TRP A 65 -2.96 -15.37 8.77
C TRP A 65 -2.73 -16.87 8.57
N ILE A 66 -2.86 -17.66 9.63
CA ILE A 66 -2.71 -19.11 9.46
C ILE A 66 -4.09 -19.73 9.25
N GLN A 67 -5.12 -18.92 9.46
CA GLN A 67 -6.50 -19.31 9.23
C GLN A 67 -7.11 -18.13 8.48
N THR A 68 -8.23 -18.35 7.80
CA THR A 68 -8.86 -17.25 7.07
C THR A 68 -9.61 -16.37 8.07
N PHE A 69 -10.07 -15.22 7.59
CA PHE A 69 -10.83 -14.30 8.43
C PHE A 69 -12.01 -15.03 9.07
N GLU A 70 -12.82 -15.69 8.24
CA GLU A 70 -13.99 -16.39 8.73
C GLU A 70 -13.64 -17.55 9.66
N GLU A 71 -12.57 -18.28 9.37
CA GLU A 71 -12.17 -19.38 10.23
C GLU A 71 -11.81 -18.86 11.62
N TYR A 72 -11.01 -17.79 11.67
CA TYR A 72 -10.65 -17.20 12.97
C TYR A 72 -11.89 -16.67 13.67
N TYR A 73 -12.79 -16.07 12.92
CA TYR A 73 -14.00 -15.53 13.52
C TYR A 73 -14.80 -16.62 14.22
N GLN A 74 -14.99 -17.73 13.52
CA GLN A 74 -15.74 -18.85 14.07
C GLN A 74 -15.05 -19.58 15.22
N HIS A 75 -13.75 -19.78 15.09
CA HIS A 75 -12.98 -20.52 16.09
C HIS A 75 -12.51 -19.71 17.29
N ASP A 76 -12.21 -18.43 17.08
CA ASP A 76 -11.68 -17.61 18.16
C ASP A 76 -12.35 -16.29 18.46
N THR A 77 -12.30 -15.38 17.48
CA THR A 77 -12.82 -14.04 17.67
C THR A 77 -14.25 -13.84 18.14
N LYS A 78 -15.20 -14.62 17.63
CA LYS A 78 -16.57 -14.41 18.09
C LYS A 78 -16.70 -14.74 19.58
N HIS A 79 -15.87 -15.67 20.04
CA HIS A 79 -15.89 -16.05 21.46
C HIS A 79 -15.20 -14.99 22.29
N ILE A 80 -14.12 -14.43 21.76
CA ILE A 80 -13.39 -13.39 22.45
C ILE A 80 -14.31 -12.19 22.67
N LEU A 81 -15.02 -11.78 21.64
CA LEU A 81 -15.91 -10.63 21.75
C LEU A 81 -17.15 -10.93 22.58
N SER A 82 -17.66 -12.15 22.50
CA SER A 82 -18.84 -12.53 23.27
C SER A 82 -18.50 -12.55 24.76
N ASN A 83 -17.34 -13.11 25.10
CA ASN A 83 -16.96 -13.18 26.49
C ASN A 83 -16.47 -11.84 27.01
N ALA A 84 -15.97 -10.97 26.12
CA ALA A 84 -15.54 -9.66 26.54
C ALA A 84 -16.79 -8.87 26.97
N LEU A 85 -17.85 -9.02 26.20
CA LEU A 85 -19.11 -8.35 26.49
C LEU A 85 -19.63 -8.77 27.85
N ARG A 86 -19.63 -10.08 28.11
CA ARG A 86 -20.11 -10.60 29.37
C ARG A 86 -19.24 -10.19 30.56
N HIS A 87 -17.94 -10.42 30.44
CA HIS A 87 -17.03 -10.09 31.52
C HIS A 87 -16.91 -8.61 31.84
N LEU A 88 -16.91 -7.76 30.82
CA LEU A 88 -16.83 -6.33 31.05
C LEU A 88 -18.15 -5.86 31.68
N HIS A 89 -19.25 -6.40 31.19
CA HIS A 89 -20.56 -6.05 31.73
C HIS A 89 -20.61 -6.36 33.23
N ASP A 90 -20.14 -7.54 33.59
CA ASP A 90 -20.17 -7.98 34.99
C ASP A 90 -19.08 -7.44 35.92
N ASN A 91 -18.01 -6.89 35.35
CA ASN A 91 -16.91 -6.35 36.16
C ASN A 91 -16.61 -4.91 35.69
N PRO A 92 -17.33 -3.93 36.26
CA PRO A 92 -17.20 -2.51 35.93
C PRO A 92 -15.80 -1.89 35.85
N GLU A 93 -14.83 -2.40 36.61
CA GLU A 93 -13.50 -1.83 36.57
C GLU A 93 -12.57 -2.46 35.53
N MET A 94 -12.98 -3.59 34.95
CA MET A 94 -12.17 -4.25 33.94
C MET A 94 -12.24 -3.43 32.66
N LYS A 95 -11.15 -3.43 31.89
CA LYS A 95 -11.06 -2.68 30.64
C LYS A 95 -10.55 -3.57 29.51
N PHE A 96 -10.71 -3.11 28.28
CA PHE A 96 -10.30 -3.89 27.11
C PHE A 96 -10.26 -2.97 25.89
N ILE A 97 -9.22 -3.09 25.07
CA ILE A 97 -9.15 -2.28 23.86
C ILE A 97 -9.30 -3.17 22.64
N TRP A 98 -9.89 -2.62 21.58
CA TRP A 98 -10.12 -3.37 20.35
C TRP A 98 -9.70 -2.57 19.13
N ALA A 99 -8.97 -3.21 18.22
CA ALA A 99 -8.49 -2.51 17.03
C ALA A 99 -9.10 -2.86 15.67
N GLU A 100 -9.31 -4.15 15.41
CA GLU A 100 -9.84 -4.59 14.13
C GLU A 100 -11.35 -4.52 13.97
N ILE A 101 -11.83 -3.48 13.29
CA ILE A 101 -13.26 -3.31 13.11
C ILE A 101 -13.90 -4.32 12.15
N SER A 102 -13.11 -4.88 11.24
CA SER A 102 -13.64 -5.90 10.33
C SER A 102 -14.27 -7.01 11.18
N TYR A 103 -13.55 -7.45 12.21
CA TYR A 103 -14.05 -8.49 13.10
C TYR A 103 -15.19 -7.98 13.97
N PHE A 104 -15.07 -6.76 14.47
CA PHE A 104 -16.12 -6.24 15.34
C PHE A 104 -17.46 -6.07 14.63
N ALA A 105 -17.42 -5.60 13.39
CA ALA A 105 -18.65 -5.43 12.63
C ALA A 105 -19.27 -6.79 12.33
N ARG A 106 -18.43 -7.77 12.02
CA ARG A 106 -18.87 -9.12 11.73
C ARG A 106 -19.63 -9.68 12.93
N PHE A 107 -19.10 -9.39 14.12
CA PHE A 107 -19.68 -9.85 15.37
C PHE A 107 -20.96 -9.11 15.73
N TYR A 108 -20.87 -7.79 15.76
CA TYR A 108 -21.99 -6.92 16.11
C TYR A 108 -23.27 -7.18 15.34
N HIS A 109 -23.17 -7.33 14.03
CA HIS A 109 -24.34 -7.56 13.21
C HIS A 109 -25.01 -8.91 13.46
N ASP A 110 -24.32 -9.80 14.15
CA ASP A 110 -24.86 -11.12 14.47
C ASP A 110 -25.48 -11.13 15.87
N LEU A 111 -25.28 -10.04 16.62
CA LEU A 111 -25.81 -9.91 17.97
C LEU A 111 -27.29 -9.55 18.00
N GLY A 112 -27.98 -10.04 19.01
CA GLY A 112 -29.39 -9.70 19.17
C GLY A 112 -29.44 -8.28 19.70
N GLU A 113 -30.61 -7.65 19.62
CA GLU A 113 -30.77 -6.28 20.08
C GLU A 113 -30.38 -6.06 21.53
N ASN A 114 -30.71 -7.01 22.40
CA ASN A 114 -30.37 -6.90 23.82
C ASN A 114 -28.86 -6.78 24.00
N LYS A 115 -28.12 -7.65 23.31
CA LYS A 115 -26.66 -7.65 23.40
C LYS A 115 -26.05 -6.42 22.74
N LYS A 116 -26.66 -5.96 21.65
CA LYS A 116 -26.14 -4.77 20.97
C LYS A 116 -26.18 -3.60 21.95
N LEU A 117 -27.28 -3.49 22.68
CA LEU A 117 -27.45 -2.42 23.66
C LEU A 117 -26.43 -2.56 24.79
N GLN A 118 -26.19 -3.78 25.26
CA GLN A 118 -25.21 -3.97 26.31
C GLN A 118 -23.83 -3.59 25.80
N MET A 119 -23.54 -3.93 24.54
CA MET A 119 -22.25 -3.60 23.95
C MET A 119 -22.07 -2.10 23.83
N LYS A 120 -23.11 -1.41 23.37
CA LYS A 120 -23.01 0.05 23.22
C LYS A 120 -22.79 0.69 24.58
N SER A 121 -23.38 0.10 25.63
CA SER A 121 -23.24 0.66 26.96
C SER A 121 -21.81 0.55 27.52
N ILE A 122 -21.16 -0.60 27.34
CA ILE A 122 -19.80 -0.72 27.85
C ILE A 122 -18.80 0.09 27.03
N VAL A 123 -19.19 0.48 25.82
CA VAL A 123 -18.33 1.32 25.00
C VAL A 123 -18.56 2.76 25.44
N LYS A 124 -19.82 3.12 25.62
CA LYS A 124 -20.17 4.47 26.04
C LYS A 124 -19.60 4.79 27.43
N ASN A 125 -19.54 3.78 28.30
CA ASN A 125 -19.02 3.98 29.66
C ASN A 125 -17.50 3.90 29.75
N GLY A 126 -16.85 3.62 28.62
CA GLY A 126 -15.40 3.54 28.60
C GLY A 126 -14.70 2.25 28.96
N GLN A 127 -15.43 1.16 29.16
CA GLN A 127 -14.79 -0.11 29.49
C GLN A 127 -14.14 -0.75 28.27
N LEU A 128 -14.87 -0.76 27.16
CA LEU A 128 -14.35 -1.31 25.90
C LEU A 128 -14.04 -0.09 25.06
N GLU A 129 -12.78 0.06 24.68
CA GLU A 129 -12.36 1.20 23.89
C GLU A 129 -11.72 0.79 22.57
N PHE A 130 -12.17 1.41 21.49
CA PHE A 130 -11.61 1.11 20.19
C PHE A 130 -10.36 1.95 19.97
N VAL A 131 -9.32 1.28 19.48
CA VAL A 131 -8.06 1.96 19.19
C VAL A 131 -7.86 1.91 17.69
N THR A 132 -7.55 3.08 17.12
CA THR A 132 -7.37 3.30 15.67
C THR A 132 -8.75 3.24 15.02
N GLY A 133 -9.36 2.07 15.06
CA GLY A 133 -10.69 1.96 14.50
C GLY A 133 -10.73 1.68 13.00
N GLY A 134 -9.62 1.20 12.46
CA GLY A 134 -9.60 0.88 11.04
C GLY A 134 -10.19 -0.51 10.81
N TRP A 135 -10.52 -0.81 9.56
CA TRP A 135 -11.07 -2.13 9.24
C TRP A 135 -10.06 -3.18 9.70
N VAL A 136 -8.78 -2.84 9.59
CA VAL A 136 -7.67 -3.71 9.98
C VAL A 136 -6.55 -2.88 10.61
N MET A 137 -5.45 -3.54 10.95
CA MET A 137 -4.23 -2.90 11.46
C MET A 137 -3.37 -3.14 10.22
N PRO A 138 -3.34 -2.18 9.30
CA PRO A 138 -2.59 -2.33 8.06
C PRO A 138 -1.08 -2.41 8.06
N ASP A 139 -0.58 -3.07 7.02
CA ASP A 139 0.84 -3.15 6.76
C ASP A 139 1.17 -1.69 6.48
N GLU A 140 2.39 -1.27 6.80
CA GLU A 140 2.77 0.11 6.56
C GLU A 140 3.87 0.24 5.51
N ALA A 141 4.33 -0.90 4.99
CA ALA A 141 5.40 -0.88 3.99
C ALA A 141 4.90 -0.93 2.55
N ASN A 142 4.06 -1.90 2.25
CA ASN A 142 3.55 -2.11 0.90
C ASN A 142 2.26 -1.38 0.57
N SER A 143 1.54 -1.00 1.61
CA SER A 143 0.25 -0.34 1.43
C SER A 143 0.34 1.04 0.82
N HIS A 144 -0.61 1.35 -0.06
CA HIS A 144 -0.66 2.67 -0.67
C HIS A 144 -1.44 3.55 0.29
N TRP A 145 -1.03 4.81 0.45
CA TRP A 145 -1.72 5.68 1.39
C TRP A 145 -3.21 5.78 1.11
N ARG A 146 -3.60 5.70 -0.16
CA ARG A 146 -5.01 5.78 -0.50
C ARG A 146 -5.79 4.63 0.12
N ASN A 147 -5.18 3.44 0.18
CA ASN A 147 -5.87 2.29 0.76
C ASN A 147 -5.79 2.29 2.27
N VAL A 148 -4.74 2.90 2.83
CA VAL A 148 -4.63 3.00 4.28
C VAL A 148 -5.81 3.91 4.70
N LEU A 149 -6.04 4.96 3.93
CA LEU A 149 -7.15 5.86 4.24
C LEU A 149 -8.49 5.16 4.03
N LEU A 150 -8.59 4.37 2.96
CA LEU A 150 -9.82 3.66 2.66
C LEU A 150 -10.24 2.77 3.83
N GLN A 151 -9.31 1.94 4.31
CA GLN A 151 -9.65 1.04 5.39
C GLN A 151 -9.89 1.75 6.71
N LEU A 152 -9.19 2.86 6.95
CA LEU A 152 -9.40 3.62 8.18
C LEU A 152 -10.81 4.19 8.14
N THR A 153 -11.19 4.73 6.99
CA THR A 153 -12.52 5.31 6.82
C THR A 153 -13.61 4.25 6.94
N GLU A 154 -13.38 3.07 6.37
CA GLU A 154 -14.36 2.00 6.43
C GLU A 154 -14.65 1.62 7.88
N GLY A 155 -13.60 1.47 8.67
CA GLY A 155 -13.77 1.11 10.07
C GLY A 155 -14.37 2.22 10.91
N GLN A 156 -13.88 3.44 10.73
CA GLN A 156 -14.38 4.55 11.53
C GLN A 156 -15.80 4.97 11.18
N THR A 157 -16.16 4.84 9.91
CA THR A 157 -17.51 5.20 9.51
C THR A 157 -18.48 4.22 10.18
N TRP A 158 -18.10 2.95 10.25
CA TRP A 158 -18.94 1.95 10.91
C TRP A 158 -19.04 2.30 12.39
N LEU A 159 -17.91 2.60 13.01
CA LEU A 159 -17.91 2.96 14.42
C LEU A 159 -18.78 4.17 14.74
N LYS A 160 -18.74 5.19 13.89
CA LYS A 160 -19.54 6.36 14.15
C LYS A 160 -21.03 6.03 14.06
N GLN A 161 -21.39 5.29 13.02
CA GLN A 161 -22.79 4.92 12.81
C GLN A 161 -23.36 4.00 13.88
N PHE A 162 -22.62 2.96 14.27
CA PHE A 162 -23.13 2.01 15.25
C PHE A 162 -22.68 2.14 16.70
N MET A 163 -21.48 2.66 16.94
CA MET A 163 -20.97 2.81 18.32
C MET A 163 -20.96 4.26 18.76
N ASN A 164 -21.17 5.18 17.82
CA ASN A 164 -21.16 6.61 18.11
C ASN A 164 -19.84 7.05 18.77
N VAL A 165 -18.74 6.57 18.23
CA VAL A 165 -17.42 6.93 18.74
C VAL A 165 -16.42 7.00 17.59
N THR A 166 -15.43 7.87 17.74
CA THR A 166 -14.37 8.03 16.75
C THR A 166 -13.05 8.05 17.52
N PRO A 167 -12.25 6.98 17.41
CA PRO A 167 -10.96 6.91 18.11
C PRO A 167 -10.02 8.03 17.74
N THR A 168 -9.28 8.53 18.72
CA THR A 168 -8.30 9.58 18.47
C THR A 168 -6.93 9.09 18.88
N ALA A 169 -6.86 7.81 19.27
CA ALA A 169 -5.60 7.17 19.65
C ALA A 169 -5.43 5.92 18.79
N SER A 170 -4.25 5.77 18.19
CA SER A 170 -3.97 4.63 17.34
C SER A 170 -3.09 3.59 18.03
N TRP A 171 -3.33 2.33 17.69
CA TRP A 171 -2.63 1.18 18.26
C TRP A 171 -2.14 0.29 17.11
N ALA A 172 -0.83 0.27 16.89
CA ALA A 172 -0.24 -0.55 15.83
C ALA A 172 0.93 -1.34 16.39
N ILE A 173 0.62 -2.51 16.93
CA ILE A 173 1.62 -3.36 17.57
C ILE A 173 2.25 -4.44 16.70
N ASP A 174 1.73 -4.67 15.49
CA ASP A 174 2.29 -5.74 14.67
C ASP A 174 2.86 -5.43 13.28
N PRO A 175 2.54 -4.26 12.69
CA PRO A 175 3.14 -4.03 11.35
C PRO A 175 4.66 -4.22 11.45
N PHE A 176 5.27 -4.80 10.42
CA PHE A 176 6.71 -5.08 10.45
C PHE A 176 7.55 -3.88 10.03
N GLY A 177 7.64 -2.89 10.92
CA GLY A 177 8.33 -1.67 10.63
C GLY A 177 7.22 -0.65 10.52
N HIS A 178 7.53 0.64 10.71
CA HIS A 178 6.51 1.68 10.68
C HIS A 178 6.82 2.85 9.75
N SER A 179 5.75 3.42 9.20
CA SER A 179 5.84 4.52 8.25
C SER A 179 5.24 5.83 8.73
N PRO A 180 5.90 6.96 8.42
CA PRO A 180 5.38 8.27 8.84
C PRO A 180 4.09 8.60 8.09
N THR A 181 3.73 7.77 7.11
CA THR A 181 2.48 8.00 6.39
C THR A 181 1.33 7.84 7.35
N MET A 182 1.50 7.01 8.37
CA MET A 182 0.44 6.80 9.35
C MET A 182 0.13 8.08 10.14
N PRO A 183 1.13 8.68 10.80
CA PRO A 183 0.77 9.90 11.52
C PRO A 183 0.24 10.99 10.58
N TYR A 184 0.71 10.98 9.33
CA TYR A 184 0.25 11.95 8.34
C TYR A 184 -1.27 11.86 8.17
N ILE A 185 -1.74 10.65 7.90
CA ILE A 185 -3.17 10.39 7.71
C ILE A 185 -3.94 10.55 9.01
N LEU A 186 -3.43 9.98 10.09
CA LEU A 186 -4.11 10.04 11.37
C LEU A 186 -4.30 11.48 11.88
N GLN A 187 -3.24 12.27 11.80
CA GLN A 187 -3.30 13.66 12.27
C GLN A 187 -4.34 14.46 11.48
N LYS A 188 -4.52 14.10 10.22
CA LYS A 188 -5.51 14.75 9.36
C LYS A 188 -6.88 14.08 9.48
N SER A 189 -6.99 13.14 10.40
CA SER A 189 -8.23 12.43 10.64
C SER A 189 -8.69 12.53 12.10
N GLY A 190 -8.26 13.61 12.76
CA GLY A 190 -8.66 13.84 14.14
C GLY A 190 -7.83 13.22 15.25
N PHE A 191 -6.86 12.40 14.91
CA PHE A 191 -6.05 11.75 15.95
C PHE A 191 -5.15 12.68 16.73
N LYS A 192 -4.87 12.30 17.97
CA LYS A 192 -4.00 13.07 18.84
C LYS A 192 -2.85 12.24 19.36
N ASN A 193 -2.95 10.92 19.27
CA ASN A 193 -1.90 10.04 19.77
C ASN A 193 -1.81 8.74 18.98
N MET A 194 -0.62 8.14 18.95
CA MET A 194 -0.43 6.86 18.30
C MET A 194 0.66 6.04 18.98
N LEU A 195 0.54 4.73 18.87
CA LEU A 195 1.50 3.81 19.47
C LEU A 195 2.02 2.83 18.42
N ILE A 196 3.33 2.57 18.46
CA ILE A 196 3.96 1.63 17.54
C ILE A 196 4.84 0.67 18.33
N GLN A 197 5.20 -0.45 17.73
CA GLN A 197 5.99 -1.46 18.43
C GLN A 197 7.15 -2.09 17.67
N ARG A 198 6.91 -2.55 16.45
CA ARG A 198 7.98 -3.20 15.71
C ARG A 198 8.97 -2.27 15.03
N THR A 199 10.02 -1.95 15.76
CA THR A 199 11.10 -1.10 15.25
C THR A 199 12.38 -1.86 15.57
N HIS A 200 13.42 -1.60 14.78
CA HIS A 200 14.71 -2.28 14.95
C HIS A 200 15.16 -2.27 16.41
N TYR A 201 15.63 -3.42 16.90
CA TYR A 201 16.05 -3.50 18.29
C TYR A 201 17.14 -2.47 18.64
N SER A 202 17.98 -2.12 17.66
CA SER A 202 19.03 -1.13 17.91
C SER A 202 18.42 0.26 18.10
N VAL A 203 17.32 0.53 17.39
CA VAL A 203 16.65 1.81 17.52
C VAL A 203 15.99 1.93 18.88
N LYS A 204 15.36 0.85 19.34
CA LYS A 204 14.72 0.86 20.64
C LYS A 204 15.75 1.16 21.72
N LYS A 205 16.91 0.51 21.63
CA LYS A 205 17.97 0.72 22.62
C LYS A 205 18.48 2.16 22.61
N GLU A 206 18.73 2.69 21.42
CA GLU A 206 19.23 4.05 21.26
C GLU A 206 18.24 5.09 21.81
N LEU A 207 16.99 4.99 21.39
CA LEU A 207 16.00 5.95 21.85
C LEU A 207 15.70 5.78 23.35
N ALA A 208 15.74 4.54 23.83
CA ALA A 208 15.47 4.29 25.24
C ALA A 208 16.50 4.97 26.12
N GLN A 209 17.77 4.88 25.72
CA GLN A 209 18.84 5.48 26.51
C GLN A 209 18.70 7.00 26.63
N GLN A 210 18.06 7.61 25.65
CA GLN A 210 17.86 9.06 25.66
C GLN A 210 16.44 9.43 26.05
N ARG A 211 15.66 8.42 26.44
CA ARG A 211 14.26 8.62 26.81
C ARG A 211 13.55 9.38 25.69
N GLN A 212 13.73 8.89 24.47
CA GLN A 212 13.11 9.49 23.29
C GLN A 212 12.16 8.48 22.64
N LEU A 213 11.57 7.61 23.46
CA LEU A 213 10.62 6.61 22.98
C LEU A 213 9.25 7.23 22.73
N GLU A 214 9.03 8.39 23.34
CA GLU A 214 7.78 9.12 23.12
C GLU A 214 8.24 10.41 22.46
N PHE A 215 7.67 10.70 21.31
CA PHE A 215 8.09 11.87 20.55
C PHE A 215 6.99 12.45 19.69
N LEU A 216 7.21 13.67 19.22
CA LEU A 216 6.26 14.34 18.34
C LEU A 216 6.74 14.03 16.93
N TRP A 217 6.10 13.06 16.30
CA TRP A 217 6.47 12.61 14.96
C TRP A 217 5.90 13.50 13.87
N ARG A 218 6.77 14.24 13.19
CA ARG A 218 6.36 15.12 12.09
C ARG A 218 6.92 14.57 10.78
N GLN A 219 6.39 15.05 9.67
CA GLN A 219 6.85 14.62 8.36
C GLN A 219 8.25 15.16 8.08
N ILE A 220 9.02 14.43 7.28
CA ILE A 220 10.39 14.85 7.00
C ILE A 220 10.57 16.23 6.36
N TRP A 221 9.53 16.73 5.70
CA TRP A 221 9.61 18.04 5.05
C TRP A 221 8.93 19.16 5.85
N ASP A 222 8.33 18.80 6.98
CA ASP A 222 7.59 19.75 7.80
C ASP A 222 8.47 20.61 8.71
N ASN A 223 8.75 21.83 8.28
CA ASN A 223 9.59 22.72 9.08
C ASN A 223 8.86 23.35 10.25
N LYS A 224 7.58 23.63 10.07
CA LYS A 224 6.77 24.25 11.13
C LYS A 224 6.33 23.26 12.20
N GLY A 225 6.03 22.04 11.78
CA GLY A 225 5.61 21.01 12.71
C GLY A 225 4.10 20.81 12.86
N ASP A 226 3.32 21.37 11.95
CA ASP A 226 1.87 21.23 12.02
C ASP A 226 1.38 19.81 11.77
N THR A 227 2.23 18.95 11.24
CA THR A 227 1.85 17.56 10.98
C THR A 227 2.15 16.65 12.16
N ALA A 228 2.82 17.18 13.17
CA ALA A 228 3.21 16.40 14.34
C ALA A 228 2.09 15.66 15.07
N LEU A 229 2.39 14.41 15.44
CA LEU A 229 1.45 13.57 16.17
C LEU A 229 2.23 12.89 17.27
N PHE A 230 1.76 13.01 18.51
CA PHE A 230 2.44 12.38 19.63
C PHE A 230 2.48 10.87 19.41
N THR A 231 3.67 10.31 19.50
CA THR A 231 3.87 8.88 19.28
C THR A 231 4.59 8.19 20.43
N HIS A 232 4.09 7.01 20.80
CA HIS A 232 4.69 6.20 21.84
C HIS A 232 5.23 4.92 21.21
N MET A 233 6.54 4.71 21.33
CA MET A 233 7.16 3.50 20.80
C MET A 233 7.40 2.56 21.99
N MET A 234 6.90 1.33 21.91
CA MET A 234 7.11 0.36 22.97
C MET A 234 8.61 0.07 22.93
N PRO A 235 9.21 -0.21 24.10
CA PRO A 235 10.65 -0.46 24.20
C PRO A 235 11.20 -1.87 24.01
N PHE A 236 10.34 -2.87 24.11
CA PHE A 236 10.83 -4.24 24.05
C PHE A 236 10.59 -5.06 22.78
N TYR A 237 11.10 -6.28 22.82
CA TYR A 237 11.06 -7.23 21.71
C TYR A 237 9.69 -7.65 21.17
N SER A 238 8.69 -7.69 22.03
CA SER A 238 7.36 -8.11 21.62
C SER A 238 6.24 -7.40 22.38
N TYR A 239 5.01 -7.55 21.90
CA TYR A 239 3.86 -6.96 22.56
C TYR A 239 3.23 -7.98 23.50
N ASP A 240 3.80 -9.19 23.56
CA ASP A 240 3.23 -10.19 24.46
C ASP A 240 3.53 -9.82 25.91
N ILE A 241 2.88 -10.52 26.84
CA ILE A 241 3.05 -10.20 28.25
C ILE A 241 4.48 -10.30 28.76
N PRO A 242 5.22 -11.36 28.36
CA PRO A 242 6.61 -11.45 28.84
C PRO A 242 7.46 -10.23 28.47
N HIS A 243 7.08 -9.52 27.41
CA HIS A 243 7.85 -8.36 26.96
C HIS A 243 7.14 -7.01 27.12
N THR A 244 6.16 -6.94 28.01
CA THR A 244 5.46 -5.68 28.21
C THR A 244 5.36 -5.20 29.67
N CYS A 245 5.77 -6.04 30.62
CA CYS A 245 5.70 -5.63 32.04
C CYS A 245 6.99 -4.97 32.50
N GLY A 246 8.09 -5.34 31.86
CA GLY A 246 9.38 -4.79 32.23
C GLY A 246 10.45 -5.41 31.36
N PRO A 247 11.75 -5.13 31.63
CA PRO A 247 12.88 -5.66 30.87
C PRO A 247 13.21 -7.14 30.98
N ASP A 248 12.71 -7.80 32.03
CA ASP A 248 13.01 -9.22 32.21
C ASP A 248 11.83 -10.13 31.89
N PRO A 249 11.86 -10.76 30.71
CA PRO A 249 10.76 -11.66 30.32
C PRO A 249 10.57 -12.85 31.25
N LYS A 250 11.64 -13.30 31.88
CA LYS A 250 11.56 -14.42 32.81
C LYS A 250 10.64 -14.07 33.98
N VAL A 251 10.65 -12.79 34.36
CA VAL A 251 9.81 -12.32 35.45
C VAL A 251 8.41 -11.99 34.92
N CYS A 252 8.36 -11.23 33.85
CA CYS A 252 7.08 -10.84 33.26
C CYS A 252 6.21 -12.03 32.88
N CYS A 253 6.83 -13.10 32.41
CA CYS A 253 6.07 -14.28 32.02
C CYS A 253 5.28 -14.83 33.21
N GLN A 254 5.79 -14.61 34.41
CA GLN A 254 5.12 -15.09 35.61
C GLN A 254 3.84 -14.32 35.91
N PHE A 255 3.60 -13.25 35.14
CA PHE A 255 2.41 -12.46 35.34
C PHE A 255 1.43 -12.54 34.18
N ASP A 256 1.57 -13.61 33.41
CA ASP A 256 0.67 -13.92 32.31
C ASP A 256 0.00 -15.16 32.90
N PHE A 257 -1.11 -14.95 33.60
CA PHE A 257 -1.78 -16.05 34.27
C PHE A 257 -2.43 -17.12 33.42
N LYS A 258 -2.36 -16.96 32.10
CA LYS A 258 -2.94 -17.97 31.21
C LYS A 258 -1.91 -19.07 30.96
N ARG A 259 -0.69 -18.88 31.46
CA ARG A 259 0.36 -19.88 31.23
C ARG A 259 0.58 -20.84 32.41
N MET A 260 -0.45 -21.57 32.82
CA MET A 260 -0.28 -22.49 33.95
C MET A 260 -0.37 -23.99 33.66
N GLY A 261 -0.91 -24.36 32.51
CA GLY A 261 -1.02 -25.76 32.16
C GLY A 261 -2.33 -26.16 31.50
N SER A 262 -3.45 -25.87 32.17
CA SER A 262 -4.76 -26.19 31.64
C SER A 262 -5.04 -25.50 30.31
N PHE A 263 -4.33 -24.40 30.04
CA PHE A 263 -4.52 -23.66 28.80
C PHE A 263 -3.54 -24.08 27.71
N GLY A 264 -2.66 -25.02 28.03
CA GLY A 264 -1.69 -25.48 27.06
C GLY A 264 -0.62 -24.45 26.75
N LEU A 265 -0.35 -23.57 27.71
CA LEU A 265 0.66 -22.54 27.54
C LEU A 265 1.61 -22.61 28.72
N SER A 266 2.86 -22.22 28.49
CA SER A 266 3.86 -22.23 29.55
C SER A 266 4.89 -21.12 29.33
N CYS A 267 5.81 -21.00 30.26
CA CYS A 267 6.87 -19.99 30.19
C CYS A 267 8.18 -20.63 29.78
N PRO A 268 8.72 -20.25 28.61
CA PRO A 268 9.99 -20.82 28.12
C PRO A 268 11.20 -20.51 29.00
N TRP A 269 11.06 -19.52 29.88
CA TRP A 269 12.14 -19.14 30.77
C TRP A 269 12.19 -20.03 32.01
N LYS A 270 11.32 -21.04 32.03
CA LYS A 270 11.27 -22.04 33.09
C LYS A 270 10.61 -21.72 34.44
N VAL A 271 10.14 -20.49 34.64
CA VAL A 271 9.47 -20.15 35.89
C VAL A 271 8.03 -19.82 35.55
N PRO A 272 7.09 -20.69 35.96
CA PRO A 272 5.66 -20.50 35.69
C PRO A 272 4.99 -19.46 36.55
N PRO A 273 3.83 -18.95 36.09
CA PRO A 273 3.14 -17.95 36.90
C PRO A 273 2.55 -18.65 38.11
N ARG A 274 2.40 -17.92 39.21
CA ARG A 274 1.83 -18.48 40.43
C ARG A 274 0.63 -17.67 40.84
N THR A 275 -0.46 -18.36 41.13
CA THR A 275 -1.70 -17.71 41.55
C THR A 275 -1.42 -16.81 42.73
N ILE A 276 -1.90 -15.58 42.64
CA ILE A 276 -1.69 -14.61 43.72
C ILE A 276 -2.58 -14.93 44.92
N SER A 277 -1.98 -14.85 46.10
CA SER A 277 -2.69 -15.11 47.34
C SER A 277 -2.21 -14.10 48.38
N ASP A 278 -2.94 -13.98 49.49
CA ASP A 278 -2.55 -13.06 50.55
C ASP A 278 -1.17 -13.44 51.06
N GLN A 279 -0.84 -14.72 50.93
CA GLN A 279 0.43 -15.27 51.38
C GLN A 279 1.64 -14.94 50.51
N ASN A 280 1.43 -14.71 49.22
CA ASN A 280 2.55 -14.41 48.33
C ASN A 280 2.44 -13.07 47.61
N VAL A 281 1.33 -12.37 47.80
CA VAL A 281 1.11 -11.09 47.12
C VAL A 281 2.19 -10.04 47.38
N ALA A 282 2.71 -9.99 48.60
CA ALA A 282 3.76 -9.01 48.90
C ALA A 282 5.00 -9.28 48.06
N ALA A 283 5.43 -10.54 48.00
CA ALA A 283 6.61 -10.93 47.24
C ALA A 283 6.37 -10.78 45.74
N ARG A 284 5.20 -11.20 45.27
CA ARG A 284 4.87 -11.10 43.85
C ARG A 284 4.84 -9.62 43.44
N SER A 285 4.26 -8.78 44.29
CA SER A 285 4.17 -7.35 44.02
C SER A 285 5.55 -6.71 43.97
N ASP A 286 6.41 -7.11 44.89
CA ASP A 286 7.77 -6.56 44.92
C ASP A 286 8.47 -6.83 43.59
N LEU A 287 8.29 -8.03 43.06
CA LEU A 287 8.90 -8.40 41.79
C LEU A 287 8.30 -7.62 40.62
N LEU A 288 6.99 -7.53 40.59
CA LEU A 288 6.29 -6.82 39.51
C LEU A 288 6.54 -5.32 39.52
N VAL A 289 6.40 -4.70 40.68
CA VAL A 289 6.62 -3.26 40.77
C VAL A 289 8.05 -2.92 40.35
N ASP A 290 8.99 -3.79 40.68
CA ASP A 290 10.39 -3.57 40.30
C ASP A 290 10.51 -3.52 38.77
N GLN A 291 9.79 -4.42 38.10
CA GLN A 291 9.81 -4.45 36.63
C GLN A 291 9.18 -3.16 36.10
N TRP A 292 8.05 -2.76 36.69
CA TRP A 292 7.38 -1.55 36.27
C TRP A 292 8.27 -0.32 36.41
N LYS A 293 8.94 -0.20 37.56
CA LYS A 293 9.82 0.95 37.78
C LYS A 293 11.01 0.97 36.84
N LYS A 294 11.46 -0.20 36.42
CA LYS A 294 12.57 -0.27 35.47
C LYS A 294 12.06 0.21 34.11
N LYS A 295 10.87 -0.26 33.71
CA LYS A 295 10.30 0.16 32.43
C LYS A 295 10.07 1.67 32.46
N ALA A 296 9.61 2.19 33.60
CA ALA A 296 9.34 3.62 33.74
C ALA A 296 10.59 4.48 33.57
N GLU A 297 11.76 3.91 33.82
CA GLU A 297 13.01 4.66 33.66
C GLU A 297 13.27 5.06 32.23
N LEU A 298 12.62 4.37 31.29
CA LEU A 298 12.82 4.63 29.87
C LEU A 298 11.92 5.75 29.35
N TYR A 299 11.02 6.24 30.17
CA TYR A 299 10.10 7.30 29.75
C TYR A 299 10.19 8.55 30.64
N ARG A 300 9.60 9.64 30.19
CA ARG A 300 9.68 10.92 30.89
C ARG A 300 8.61 11.33 31.91
N THR A 301 7.45 10.68 31.91
CA THR A 301 6.42 11.05 32.87
C THR A 301 6.26 9.98 33.95
N ASN A 302 5.38 10.24 34.90
CA ASN A 302 5.12 9.30 35.98
C ASN A 302 3.88 8.48 35.66
N VAL A 303 3.59 8.34 34.37
CA VAL A 303 2.45 7.58 33.88
C VAL A 303 3.03 6.45 33.04
N LEU A 304 2.73 5.21 33.42
CA LEU A 304 3.27 4.04 32.72
C LEU A 304 2.23 3.17 32.04
N LEU A 305 2.51 2.81 30.78
CA LEU A 305 1.63 1.96 29.99
C LEU A 305 2.11 0.52 30.06
N ILE A 306 1.23 -0.38 30.49
CA ILE A 306 1.55 -1.80 30.59
C ILE A 306 0.51 -2.62 29.83
N PRO A 307 0.78 -2.94 28.56
CA PRO A 307 -0.19 -3.73 27.81
C PRO A 307 -0.29 -5.12 28.42
N LEU A 308 -1.47 -5.71 28.36
CA LEU A 308 -1.68 -7.06 28.90
C LEU A 308 -2.46 -7.87 27.87
N GLY A 309 -1.74 -8.54 26.99
CA GLY A 309 -2.38 -9.34 25.96
C GLY A 309 -1.42 -10.06 25.05
N ASP A 310 -1.98 -10.77 24.07
CA ASP A 310 -1.20 -11.53 23.11
C ASP A 310 -2.17 -11.94 22.00
N ASP A 311 -1.72 -12.81 21.11
CA ASP A 311 -2.55 -13.26 19.99
C ASP A 311 -3.83 -13.96 20.41
N PHE A 312 -4.95 -13.48 19.88
CA PHE A 312 -6.28 -14.03 20.17
C PHE A 312 -6.50 -14.39 21.64
N ARG A 313 -6.08 -13.49 22.52
CA ARG A 313 -6.24 -13.69 23.95
C ARG A 313 -7.64 -13.28 24.42
N PHE A 314 -7.92 -13.58 25.68
CA PHE A 314 -9.20 -13.27 26.30
C PHE A 314 -10.35 -13.93 25.58
N LYS A 315 -10.18 -15.22 25.33
CA LYS A 315 -11.16 -16.04 24.63
C LYS A 315 -12.03 -16.81 25.62
N GLN A 316 -11.39 -17.62 26.46
CA GLN A 316 -12.11 -18.43 27.43
C GLN A 316 -12.54 -17.65 28.67
N ASN A 317 -13.71 -17.97 29.19
CA ASN A 317 -14.21 -17.30 30.39
C ASN A 317 -13.20 -17.47 31.50
N THR A 318 -12.64 -18.67 31.61
CA THR A 318 -11.66 -18.96 32.65
C THR A 318 -10.42 -18.07 32.50
N GLU A 319 -10.10 -17.71 31.26
CA GLU A 319 -8.94 -16.84 31.02
C GLU A 319 -9.24 -15.43 31.53
N TRP A 320 -10.45 -14.94 31.28
CA TRP A 320 -10.82 -13.61 31.76
C TRP A 320 -10.69 -13.59 33.28
N ASP A 321 -11.16 -14.65 33.92
CA ASP A 321 -11.11 -14.75 35.37
C ASP A 321 -9.70 -14.78 35.93
N VAL A 322 -8.85 -15.65 35.37
CA VAL A 322 -7.49 -15.79 35.88
C VAL A 322 -6.68 -14.50 35.72
N GLN A 323 -6.84 -13.78 34.62
CA GLN A 323 -6.08 -12.55 34.44
C GLN A 323 -6.65 -11.46 35.34
N ARG A 324 -7.96 -11.27 35.31
CA ARG A 324 -8.59 -10.22 36.12
C ARG A 324 -8.42 -10.38 37.64
N VAL A 325 -8.77 -11.55 38.15
CA VAL A 325 -8.68 -11.81 39.59
C VAL A 325 -7.25 -11.65 40.13
N ASN A 326 -6.27 -12.24 39.45
CA ASN A 326 -4.91 -12.13 39.92
C ASN A 326 -4.42 -10.68 39.89
N TYR A 327 -4.72 -9.95 38.84
CA TYR A 327 -4.28 -8.56 38.80
C TYR A 327 -5.02 -7.72 39.83
N GLU A 328 -6.29 -8.04 40.07
CA GLU A 328 -7.06 -7.31 41.08
C GLU A 328 -6.38 -7.44 42.43
N ARG A 329 -5.89 -8.64 42.75
CA ARG A 329 -5.21 -8.87 44.03
C ARG A 329 -3.91 -8.09 44.11
N LEU A 330 -3.19 -8.01 42.98
CA LEU A 330 -1.94 -7.27 42.95
C LEU A 330 -2.20 -5.78 43.14
N PHE A 331 -3.23 -5.26 42.46
CA PHE A 331 -3.58 -3.83 42.58
C PHE A 331 -3.97 -3.46 44.01
N GLU A 332 -4.81 -4.28 44.62
CA GLU A 332 -5.26 -4.00 45.99
C GLU A 332 -4.07 -3.89 46.93
N HIS A 333 -3.14 -4.83 46.83
CA HIS A 333 -1.97 -4.83 47.69
C HIS A 333 -1.05 -3.65 47.38
N ILE A 334 -0.63 -3.54 46.13
CA ILE A 334 0.27 -2.47 45.73
C ILE A 334 -0.24 -1.07 46.05
N ASN A 335 -1.48 -0.79 45.70
CA ASN A 335 -2.06 0.53 45.95
C ASN A 335 -2.27 0.85 47.43
N SER A 336 -2.26 -0.18 48.27
CA SER A 336 -2.46 0.01 49.71
C SER A 336 -1.13 0.08 50.46
N GLN A 337 -0.05 -0.30 49.79
CA GLN A 337 1.28 -0.28 50.38
C GLN A 337 2.00 1.01 49.97
N ALA A 338 1.93 2.02 50.82
CA ALA A 338 2.55 3.32 50.53
C ALA A 338 4.02 3.27 50.10
N HIS A 339 4.78 2.33 50.66
CA HIS A 339 6.20 2.24 50.32
C HIS A 339 6.47 2.01 48.83
N PHE A 340 5.46 1.56 48.10
CA PHE A 340 5.60 1.34 46.66
C PHE A 340 5.42 2.65 45.90
N ASN A 341 4.59 3.53 46.45
CA ASN A 341 4.30 4.81 45.82
C ASN A 341 3.82 4.61 44.39
N VAL A 342 2.90 3.66 44.25
CA VAL A 342 2.32 3.31 42.95
C VAL A 342 0.80 3.22 43.06
N GLN A 343 0.12 3.63 41.99
CA GLN A 343 -1.32 3.55 41.90
C GLN A 343 -1.55 2.84 40.56
N ALA A 344 -1.90 1.57 40.63
CA ALA A 344 -2.11 0.76 39.44
C ALA A 344 -3.56 0.38 39.23
N GLN A 345 -3.98 0.33 37.97
CA GLN A 345 -5.36 -0.04 37.65
C GLN A 345 -5.47 -0.46 36.20
N PHE A 346 -6.59 -1.09 35.86
CA PHE A 346 -6.83 -1.48 34.48
C PHE A 346 -7.18 -0.16 33.80
N GLY A 347 -6.73 0.00 32.56
CA GLY A 347 -7.04 1.23 31.86
C GLY A 347 -7.12 1.01 30.37
N THR A 348 -7.46 2.06 29.64
CA THR A 348 -7.52 1.98 28.19
C THR A 348 -6.37 2.80 27.64
N LEU A 349 -6.15 2.71 26.33
CA LEU A 349 -5.08 3.45 25.70
C LEU A 349 -5.27 4.96 25.83
N GLN A 350 -6.50 5.43 25.59
CA GLN A 350 -6.79 6.85 25.68
C GLN A 350 -6.54 7.38 27.09
N GLU A 351 -6.84 6.56 28.10
CA GLU A 351 -6.63 6.98 29.47
C GLU A 351 -5.15 7.20 29.72
N TYR A 352 -4.31 6.33 29.17
CA TYR A 352 -2.88 6.48 29.33
C TYR A 352 -2.42 7.80 28.73
N PHE A 353 -2.75 8.02 27.47
CA PHE A 353 -2.34 9.25 26.80
C PHE A 353 -2.87 10.49 27.49
N ASP A 354 -4.11 10.44 27.96
CA ASP A 354 -4.68 11.60 28.64
C ASP A 354 -3.83 11.94 29.87
N ALA A 355 -3.44 10.91 30.62
CA ALA A 355 -2.64 11.12 31.82
C ALA A 355 -1.25 11.65 31.47
N VAL A 356 -0.68 11.12 30.39
CA VAL A 356 0.65 11.57 29.95
C VAL A 356 0.65 13.06 29.64
N HIS A 357 -0.35 13.52 28.89
CA HIS A 357 -0.40 14.93 28.52
C HIS A 357 -0.76 15.82 29.71
N GLN A 358 -1.43 15.26 30.71
CA GLN A 358 -1.76 16.02 31.90
C GLN A 358 -0.44 16.28 32.62
N ALA A 359 0.46 15.30 32.58
CA ALA A 359 1.77 15.42 33.22
C ALA A 359 2.58 16.44 32.43
N GLU A 360 2.48 16.38 31.11
CA GLU A 360 3.18 17.30 30.23
C GLU A 360 2.74 18.73 30.50
N ARG A 361 1.43 18.94 30.59
CA ARG A 361 0.89 20.27 30.86
C ARG A 361 1.31 20.74 32.25
N ALA A 362 1.49 19.80 33.16
CA ALA A 362 1.90 20.14 34.52
C ALA A 362 3.37 20.55 34.50
N GLY A 363 3.98 20.45 33.32
CA GLY A 363 5.37 20.83 33.16
C GLY A 363 6.36 19.84 33.72
N GLN A 364 5.97 18.57 33.85
CA GLN A 364 6.89 17.59 34.39
C GLN A 364 7.63 16.85 33.28
N ALA A 365 7.30 17.14 32.03
CA ALA A 365 7.94 16.48 30.90
C ALA A 365 7.87 17.29 29.61
N GLU A 366 8.93 17.18 28.83
CA GLU A 366 9.05 17.84 27.53
C GLU A 366 9.36 16.72 26.56
N PHE A 367 8.72 16.71 25.40
CA PHE A 367 8.97 15.65 24.43
C PHE A 367 9.76 16.08 23.20
N PRO A 368 10.67 15.21 22.73
CA PRO A 368 11.51 15.49 21.56
C PRO A 368 10.70 15.40 20.27
N THR A 369 11.20 16.06 19.24
CA THR A 369 10.58 16.04 17.93
C THR A 369 11.35 15.02 17.10
N LEU A 370 10.66 14.38 16.16
CA LEU A 370 11.32 13.37 15.34
C LEU A 370 10.71 13.29 13.95
N SER A 371 11.56 13.01 12.96
CA SER A 371 11.09 12.81 11.60
C SER A 371 11.86 11.61 11.07
N GLY A 372 11.29 10.94 10.07
CA GLY A 372 11.91 9.77 9.48
C GLY A 372 10.97 8.58 9.51
N ASP A 373 11.48 7.41 9.16
CA ASP A 373 10.66 6.20 9.18
C ASP A 373 11.32 5.12 10.01
N PHE A 374 10.70 3.95 10.07
CA PHE A 374 11.25 2.85 10.83
C PHE A 374 11.34 1.56 10.04
N PHE A 375 12.02 1.66 8.90
CA PHE A 375 12.30 0.52 8.03
C PHE A 375 13.81 0.60 7.84
N THR A 376 14.49 -0.54 7.68
CA THR A 376 13.88 -1.86 7.68
C THR A 376 14.02 -2.52 9.04
N TYR A 377 12.91 -3.10 9.49
CA TYR A 377 12.82 -3.76 10.78
C TYR A 377 13.62 -5.06 10.91
N ALA A 378 14.20 -5.24 12.09
CA ALA A 378 14.94 -6.45 12.43
C ALA A 378 14.56 -6.69 13.89
N ASP A 379 14.04 -7.87 14.19
CA ASP A 379 13.65 -8.18 15.56
C ASP A 379 14.78 -8.79 16.38
N ARG A 380 15.81 -9.28 15.69
CA ARG A 380 16.98 -9.87 16.34
C ARG A 380 18.10 -10.16 15.35
N SER A 381 19.33 -10.17 15.86
CA SER A 381 20.53 -10.43 15.06
C SER A 381 20.50 -9.77 13.69
N ASP A 382 20.67 -10.58 12.64
CA ASP A 382 20.68 -10.06 11.27
C ASP A 382 19.37 -10.40 10.55
N ASN A 383 18.33 -10.73 11.32
CA ASN A 383 17.04 -11.09 10.74
C ASN A 383 16.22 -9.86 10.37
N TYR A 384 16.52 -9.29 9.21
CA TYR A 384 15.80 -8.12 8.71
C TYR A 384 14.59 -8.57 7.92
N TRP A 385 13.45 -7.95 8.20
CA TRP A 385 12.21 -8.30 7.55
C TRP A 385 11.98 -7.59 6.22
N SER A 386 12.87 -7.80 5.25
CA SER A 386 12.71 -7.16 3.96
C SER A 386 12.14 -8.12 2.91
N GLY A 387 11.95 -9.37 3.31
CA GLY A 387 11.41 -10.35 2.38
C GLY A 387 9.96 -10.07 2.01
N TYR A 388 9.17 -9.66 2.99
CA TYR A 388 7.76 -9.39 2.75
C TYR A 388 7.49 -8.18 1.86
N TYR A 389 8.56 -7.46 1.49
CA TYR A 389 8.40 -6.34 0.57
C TYR A 389 8.10 -6.91 -0.82
N THR A 390 8.31 -8.21 -0.99
CA THR A 390 8.12 -8.89 -2.27
C THR A 390 7.23 -10.14 -2.25
N SER A 391 7.20 -10.84 -1.12
CA SER A 391 6.41 -12.09 -1.00
C SER A 391 5.02 -12.00 -1.61
N ARG A 392 4.63 -13.02 -2.37
CA ARG A 392 3.33 -13.08 -3.04
C ARG A 392 3.09 -11.83 -3.88
N PRO A 393 3.99 -11.58 -4.85
CA PRO A 393 3.88 -10.40 -5.71
C PRO A 393 2.64 -10.34 -6.60
N TYR A 394 2.02 -11.49 -6.86
CA TYR A 394 0.82 -11.49 -7.69
C TYR A 394 -0.26 -10.65 -7.00
N HIS A 395 -0.44 -10.88 -5.71
CA HIS A 395 -1.45 -10.18 -4.93
C HIS A 395 -1.06 -8.74 -4.61
N LYS A 396 0.24 -8.48 -4.55
CA LYS A 396 0.73 -7.12 -4.32
C LYS A 396 0.32 -6.28 -5.54
N ARG A 397 0.45 -6.85 -6.73
CA ARG A 397 0.06 -6.16 -7.96
C ARG A 397 -1.47 -6.03 -8.00
N MET A 398 -2.15 -7.10 -7.59
CA MET A 398 -3.62 -7.10 -7.58
C MET A 398 -4.14 -5.96 -6.69
N ASP A 399 -3.44 -5.70 -5.59
CA ASP A 399 -3.81 -4.62 -4.68
C ASP A 399 -3.91 -3.28 -5.41
N ARG A 400 -2.92 -2.99 -6.25
CA ARG A 400 -2.89 -1.73 -6.97
C ARG A 400 -3.98 -1.64 -8.03
N VAL A 401 -4.29 -2.78 -8.65
CA VAL A 401 -5.34 -2.81 -9.65
C VAL A 401 -6.68 -2.54 -8.97
N LEU A 402 -6.97 -3.26 -7.89
CA LEU A 402 -8.23 -3.06 -7.19
C LEU A 402 -8.28 -1.65 -6.59
N MET A 403 -7.14 -1.13 -6.15
CA MET A 403 -7.10 0.23 -5.61
C MET A 403 -7.72 1.19 -6.61
N HIS A 404 -7.29 1.06 -7.87
CA HIS A 404 -7.80 1.91 -8.92
C HIS A 404 -9.24 1.66 -9.31
N TYR A 405 -9.63 0.39 -9.38
CA TYR A 405 -11.01 0.03 -9.72
C TYR A 405 -11.98 0.59 -8.68
N VAL A 406 -11.58 0.56 -7.41
CA VAL A 406 -12.45 1.10 -6.35
C VAL A 406 -12.60 2.60 -6.55
N ARG A 407 -11.48 3.28 -6.78
CA ARG A 407 -11.55 4.72 -7.00
C ARG A 407 -12.44 5.05 -8.19
N ALA A 408 -12.23 4.36 -9.30
CA ALA A 408 -13.00 4.61 -10.51
C ALA A 408 -14.48 4.29 -10.35
N ALA A 409 -14.79 3.19 -9.67
CA ALA A 409 -16.18 2.82 -9.45
C ALA A 409 -16.89 3.84 -8.55
N GLU A 410 -16.23 4.24 -7.48
CA GLU A 410 -16.83 5.22 -6.58
C GLU A 410 -17.00 6.57 -7.28
N MET A 411 -16.03 6.97 -8.08
CA MET A 411 -16.11 8.25 -8.78
C MET A 411 -17.19 8.25 -9.87
N LEU A 412 -17.16 7.25 -10.74
CA LEU A 412 -18.14 7.18 -11.84
C LEU A 412 -19.58 7.13 -11.35
N SER A 413 -19.83 6.44 -10.24
CA SER A 413 -21.19 6.32 -9.74
C SER A 413 -21.59 7.49 -8.83
N ALA A 414 -20.62 8.29 -8.42
CA ALA A 414 -20.89 9.43 -7.55
C ALA A 414 -21.64 10.57 -8.25
N TRP A 415 -21.53 10.64 -9.57
CA TRP A 415 -22.19 11.71 -10.32
C TRP A 415 -23.70 11.70 -10.20
N HIS A 416 -24.28 10.51 -10.01
CA HIS A 416 -25.73 10.40 -9.89
C HIS A 416 -26.13 9.79 -8.56
N SER A 417 -27.41 9.97 -8.22
CA SER A 417 -27.98 9.37 -7.04
C SER A 417 -28.61 8.12 -7.65
N TRP A 418 -28.45 6.97 -7.02
CA TRP A 418 -29.00 5.74 -7.58
C TRP A 418 -30.13 5.11 -6.78
N ASP A 419 -31.08 4.55 -7.50
CA ASP A 419 -32.22 3.87 -6.88
C ASP A 419 -31.65 2.65 -6.17
N GLY A 420 -32.20 2.32 -5.01
CA GLY A 420 -31.72 1.18 -4.26
C GLY A 420 -31.70 -0.12 -5.04
N MET A 421 -32.55 -0.22 -6.06
CA MET A 421 -32.62 -1.43 -6.88
C MET A 421 -31.34 -1.66 -7.69
N ALA A 422 -30.58 -0.59 -7.92
CA ALA A 422 -29.34 -0.70 -8.69
C ALA A 422 -28.25 -1.38 -7.88
N ARG A 423 -28.44 -1.44 -6.57
CA ARG A 423 -27.47 -2.08 -5.67
C ARG A 423 -26.07 -1.49 -5.78
N ILE A 424 -25.99 -0.20 -6.08
CA ILE A 424 -24.69 0.46 -6.20
C ILE A 424 -23.96 0.51 -4.85
N GLU A 425 -24.64 1.01 -3.82
CA GLU A 425 -24.04 1.11 -2.49
C GLU A 425 -23.58 -0.26 -2.00
N GLU A 426 -24.40 -1.28 -2.25
CA GLU A 426 -24.09 -2.65 -1.85
C GLU A 426 -22.78 -3.13 -2.46
N ARG A 427 -22.67 -3.00 -3.78
CA ARG A 427 -21.46 -3.43 -4.49
C ARG A 427 -20.22 -2.65 -4.08
N LEU A 428 -20.38 -1.34 -3.89
CA LEU A 428 -19.23 -0.53 -3.50
C LEU A 428 -18.77 -0.85 -2.08
N GLU A 429 -19.71 -1.13 -1.19
CA GLU A 429 -19.33 -1.47 0.19
C GLU A 429 -18.53 -2.75 0.17
N GLN A 430 -18.97 -3.72 -0.62
CA GLN A 430 -18.28 -5.00 -0.74
C GLN A 430 -16.86 -4.74 -1.24
N ALA A 431 -16.73 -3.99 -2.33
CA ALA A 431 -15.43 -3.71 -2.89
C ALA A 431 -14.50 -3.02 -1.90
N ARG A 432 -14.99 -1.99 -1.23
CA ARG A 432 -14.18 -1.28 -0.27
C ARG A 432 -13.72 -2.20 0.86
N ARG A 433 -14.62 -3.06 1.32
CA ARG A 433 -14.28 -3.95 2.41
C ARG A 433 -13.29 -5.05 2.08
N GLU A 434 -13.36 -5.62 0.88
CA GLU A 434 -12.42 -6.67 0.52
C GLU A 434 -11.03 -6.08 0.31
N LEU A 435 -10.97 -4.90 -0.29
CA LEU A 435 -9.67 -4.24 -0.50
C LEU A 435 -9.12 -3.80 0.86
N SER A 436 -10.00 -3.29 1.72
CA SER A 436 -9.59 -2.85 3.04
C SER A 436 -9.02 -4.02 3.84
N LEU A 437 -9.70 -5.17 3.77
CA LEU A 437 -9.24 -6.35 4.48
C LEU A 437 -7.82 -6.75 4.05
N PHE A 438 -7.54 -6.63 2.75
CA PHE A 438 -6.22 -7.01 2.24
C PHE A 438 -5.10 -6.11 2.71
N GLN A 439 -5.42 -4.95 3.26
CA GLN A 439 -4.38 -4.05 3.76
C GLN A 439 -3.78 -4.60 5.04
N HIS A 440 -4.42 -5.64 5.59
CA HIS A 440 -3.94 -6.28 6.81
C HIS A 440 -2.46 -6.62 6.68
N HIS A 441 -1.74 -6.62 7.81
CA HIS A 441 -0.31 -6.91 7.79
C HIS A 441 0.09 -8.36 7.48
N ASP A 442 -0.88 -9.18 7.11
CA ASP A 442 -0.61 -10.56 6.67
C ASP A 442 -1.28 -10.73 5.32
N GLY A 443 -1.86 -9.65 4.81
CA GLY A 443 -2.52 -9.70 3.52
C GLY A 443 -1.58 -9.29 2.42
N ILE A 444 -1.51 -7.99 2.14
CA ILE A 444 -0.65 -7.46 1.09
C ILE A 444 0.83 -7.83 1.32
N THR A 445 1.19 -8.10 2.58
CA THR A 445 2.56 -8.47 2.94
C THR A 445 2.99 -9.84 2.39
N GLY A 446 2.02 -10.67 2.05
CA GLY A 446 2.33 -11.99 1.55
C GLY A 446 2.86 -12.91 2.65
N THR A 447 2.39 -12.70 3.87
CA THR A 447 2.85 -13.53 4.99
C THR A 447 1.79 -14.47 5.57
N ALA A 448 0.77 -14.80 4.77
CA ALA A 448 -0.29 -15.71 5.24
C ALA A 448 -0.12 -17.11 4.65
N LYS A 449 -0.81 -18.09 5.23
CA LYS A 449 -0.71 -19.45 4.70
C LYS A 449 -1.35 -19.49 3.32
N THR A 450 -0.97 -20.49 2.53
CA THR A 450 -1.48 -20.62 1.17
C THR A 450 -3.00 -20.51 1.01
N HIS A 451 -3.78 -21.23 1.81
CA HIS A 451 -5.23 -21.16 1.64
C HIS A 451 -5.81 -19.80 2.05
N VAL A 452 -5.08 -19.06 2.88
CA VAL A 452 -5.54 -17.74 3.31
C VAL A 452 -5.28 -16.75 2.17
N VAL A 453 -4.15 -16.91 1.50
CA VAL A 453 -3.82 -16.07 0.36
C VAL A 453 -4.91 -16.27 -0.69
N VAL A 454 -5.35 -17.51 -0.85
CA VAL A 454 -6.40 -17.82 -1.81
C VAL A 454 -7.70 -17.12 -1.43
N ASP A 455 -8.00 -17.08 -0.14
CA ASP A 455 -9.22 -16.42 0.31
C ASP A 455 -9.17 -14.93 -0.03
N TYR A 456 -8.02 -14.30 0.24
CA TYR A 456 -7.87 -12.88 -0.06
C TYR A 456 -8.04 -12.63 -1.56
N GLU A 457 -7.48 -13.52 -2.38
CA GLU A 457 -7.59 -13.39 -3.83
C GLU A 457 -9.03 -13.50 -4.29
N GLN A 458 -9.75 -14.49 -3.76
CA GLN A 458 -11.15 -14.69 -4.12
C GLN A 458 -11.95 -13.46 -3.75
N ARG A 459 -11.72 -12.93 -2.56
CA ARG A 459 -12.42 -11.74 -2.10
C ARG A 459 -12.12 -10.58 -3.03
N MET A 460 -10.85 -10.39 -3.39
CA MET A 460 -10.52 -9.29 -4.29
C MET A 460 -11.10 -9.49 -5.68
N GLN A 461 -11.24 -10.74 -6.11
CA GLN A 461 -11.79 -11.02 -7.43
C GLN A 461 -13.25 -10.59 -7.45
N GLU A 462 -13.96 -10.87 -6.36
CA GLU A 462 -15.37 -10.50 -6.25
C GLU A 462 -15.47 -8.98 -6.21
N ALA A 463 -14.49 -8.34 -5.57
CA ALA A 463 -14.48 -6.88 -5.47
C ALA A 463 -14.27 -6.26 -6.85
N LEU A 464 -13.40 -6.85 -7.65
CA LEU A 464 -13.15 -6.33 -9.00
C LEU A 464 -14.43 -6.43 -9.82
N LYS A 465 -15.13 -7.56 -9.72
CA LYS A 465 -16.37 -7.76 -10.45
C LYS A 465 -17.42 -6.74 -9.99
N ALA A 466 -17.45 -6.45 -8.70
CA ALA A 466 -18.39 -5.48 -8.18
C ALA A 466 -18.07 -4.10 -8.76
N CYS A 467 -16.79 -3.77 -8.82
CA CYS A 467 -16.37 -2.49 -9.38
C CYS A 467 -16.74 -2.40 -10.84
N GLN A 468 -16.51 -3.46 -11.60
CA GLN A 468 -16.85 -3.45 -13.02
C GLN A 468 -18.34 -3.22 -13.22
N MET A 469 -19.17 -3.88 -12.43
CA MET A 469 -20.62 -3.73 -12.53
C MET A 469 -21.03 -2.28 -12.33
N VAL A 470 -20.54 -1.67 -11.25
CA VAL A 470 -20.86 -0.29 -10.94
C VAL A 470 -20.36 0.63 -12.02
N MET A 471 -19.10 0.45 -12.42
CA MET A 471 -18.50 1.27 -13.46
C MET A 471 -19.27 1.24 -14.77
N GLN A 472 -19.59 0.05 -15.27
CA GLN A 472 -20.32 -0.06 -16.53
C GLN A 472 -21.73 0.50 -16.47
N GLN A 473 -22.42 0.31 -15.34
CA GLN A 473 -23.77 0.88 -15.21
C GLN A 473 -23.65 2.41 -15.25
N SER A 474 -22.62 2.94 -14.60
CA SER A 474 -22.40 4.38 -14.54
C SER A 474 -22.10 4.97 -15.91
N VAL A 475 -21.23 4.31 -16.67
CA VAL A 475 -20.89 4.79 -18.00
C VAL A 475 -22.13 4.85 -18.89
N TYR A 476 -22.96 3.82 -18.80
CA TYR A 476 -24.17 3.79 -19.62
C TYR A 476 -25.08 4.97 -19.30
N ARG A 477 -25.24 5.26 -18.01
CA ARG A 477 -26.11 6.36 -17.61
C ARG A 477 -25.51 7.72 -17.97
N LEU A 478 -24.20 7.86 -17.82
CA LEU A 478 -23.53 9.12 -18.13
C LEU A 478 -23.43 9.48 -19.61
N LEU A 479 -23.51 8.47 -20.49
CA LEU A 479 -23.39 8.71 -21.91
C LEU A 479 -24.60 8.34 -22.77
N THR A 480 -25.77 8.26 -22.15
CA THR A 480 -26.98 7.94 -22.89
C THR A 480 -27.99 9.07 -22.74
N LYS A 481 -28.61 9.46 -23.84
CA LYS A 481 -29.61 10.53 -23.78
C LYS A 481 -30.59 10.18 -22.67
N PRO A 482 -30.80 11.12 -21.73
CA PRO A 482 -31.71 10.92 -20.61
C PRO A 482 -33.08 10.32 -20.92
N SER A 483 -33.75 10.86 -21.94
CA SER A 483 -35.08 10.38 -22.31
C SER A 483 -35.08 9.00 -22.97
N ILE A 484 -33.89 8.47 -23.24
CA ILE A 484 -33.76 7.15 -23.87
C ILE A 484 -33.26 6.13 -22.85
N TYR A 485 -32.46 6.60 -21.90
CA TYR A 485 -31.88 5.75 -20.85
C TYR A 485 -32.93 4.82 -20.21
N SER A 486 -32.75 3.52 -20.38
CA SER A 486 -33.67 2.52 -19.83
C SER A 486 -32.82 1.39 -19.27
N PRO A 487 -32.29 1.58 -18.06
CA PRO A 487 -31.44 0.59 -17.40
C PRO A 487 -32.05 -0.67 -16.81
N ASP A 488 -31.30 -1.75 -16.99
CA ASP A 488 -31.62 -3.06 -16.43
C ASP A 488 -30.41 -3.16 -15.51
N PHE A 489 -30.61 -2.95 -14.22
CA PHE A 489 -29.51 -2.98 -13.27
C PHE A 489 -28.76 -4.29 -13.13
N SER A 490 -29.17 -5.31 -13.87
CA SER A 490 -28.49 -6.61 -13.81
C SER A 490 -27.80 -6.87 -15.14
N PHE A 491 -28.06 -6.02 -16.12
CA PHE A 491 -27.49 -6.17 -17.46
C PHE A 491 -26.11 -5.55 -17.61
N SER A 492 -25.28 -6.18 -18.43
CA SER A 492 -23.93 -5.69 -18.68
C SER A 492 -23.89 -4.93 -20.00
N TYR A 493 -23.98 -3.61 -19.90
CA TYR A 493 -23.96 -2.74 -21.08
C TYR A 493 -22.56 -2.64 -21.65
N PHE A 494 -21.57 -2.75 -20.78
CA PHE A 494 -20.17 -2.69 -21.20
C PHE A 494 -19.36 -3.74 -20.50
N THR A 495 -18.29 -4.15 -21.16
CA THR A 495 -17.35 -5.12 -20.62
C THR A 495 -16.05 -4.34 -20.48
N LEU A 496 -15.42 -4.42 -19.31
CA LEU A 496 -14.16 -3.74 -19.10
C LEU A 496 -13.05 -4.47 -19.84
N ASP A 497 -12.11 -3.72 -20.37
CA ASP A 497 -10.97 -4.30 -21.06
C ASP A 497 -9.73 -3.76 -20.35
N ASP A 498 -8.97 -4.66 -19.75
CA ASP A 498 -7.76 -4.27 -19.03
C ASP A 498 -6.59 -4.99 -19.68
N SER A 499 -5.66 -4.23 -20.25
CA SER A 499 -4.52 -4.83 -20.94
C SER A 499 -3.40 -5.28 -20.01
N ARG A 500 -3.39 -4.83 -18.77
CA ARG A 500 -2.31 -5.20 -17.86
C ARG A 500 -2.68 -6.02 -16.63
N TRP A 501 -3.92 -6.48 -16.56
CA TRP A 501 -4.34 -7.32 -15.45
C TRP A 501 -5.49 -8.24 -15.84
N PRO A 502 -5.34 -9.55 -15.62
CA PRO A 502 -4.15 -10.19 -15.03
C PRO A 502 -2.92 -10.04 -15.89
N GLY A 503 -3.13 -9.73 -17.18
CA GLY A 503 -2.00 -9.55 -18.09
C GLY A 503 -1.78 -10.67 -19.07
N SER A 504 -1.18 -10.32 -20.20
CA SER A 504 -0.88 -11.30 -21.25
C SER A 504 0.07 -12.36 -20.68
N GLY A 505 -0.25 -13.63 -20.90
CA GLY A 505 0.58 -14.70 -20.40
C GLY A 505 0.21 -15.10 -18.99
N VAL A 506 -0.69 -14.34 -18.37
CA VAL A 506 -1.15 -14.63 -17.02
C VAL A 506 -2.53 -15.28 -17.09
N GLU A 507 -3.41 -14.66 -17.88
CA GLU A 507 -4.76 -15.16 -18.05
C GLU A 507 -5.42 -14.52 -19.26
N ASP A 508 -5.87 -15.34 -20.21
CA ASP A 508 -6.54 -14.80 -21.40
C ASP A 508 -7.94 -14.46 -20.93
N SER A 509 -8.12 -13.22 -20.49
CA SER A 509 -9.40 -12.76 -19.97
C SER A 509 -10.11 -11.69 -20.79
N ARG A 510 -9.35 -10.88 -21.54
CA ARG A 510 -9.98 -9.83 -22.33
C ARG A 510 -10.69 -10.36 -23.56
N THR A 511 -11.82 -9.72 -23.85
CA THR A 511 -12.66 -10.11 -24.98
C THR A 511 -12.17 -9.51 -26.30
N THR A 512 -12.43 -10.24 -27.38
CA THR A 512 -12.06 -9.77 -28.70
C THR A 512 -13.27 -9.07 -29.28
N ILE A 513 -13.05 -7.91 -29.87
CA ILE A 513 -14.15 -7.18 -30.50
C ILE A 513 -14.30 -7.86 -31.87
N ILE A 514 -15.40 -8.58 -32.04
CA ILE A 514 -15.64 -9.31 -33.27
C ILE A 514 -16.44 -8.49 -34.27
N LEU A 515 -15.79 -8.14 -35.38
CA LEU A 515 -16.40 -7.35 -36.44
C LEU A 515 -16.39 -8.15 -37.73
N GLY A 516 -17.36 -7.89 -38.60
CA GLY A 516 -17.44 -8.58 -39.86
C GLY A 516 -18.62 -8.11 -40.68
N GLU A 517 -18.46 -8.07 -41.99
CA GLU A 517 -19.52 -7.62 -42.90
C GLU A 517 -20.83 -8.37 -42.67
N ASP A 518 -20.72 -9.65 -42.37
CA ASP A 518 -21.90 -10.50 -42.16
C ASP A 518 -22.36 -10.62 -40.72
N ILE A 519 -21.77 -9.84 -39.81
CA ILE A 519 -22.17 -9.94 -38.41
C ILE A 519 -22.26 -8.61 -37.67
N LEU A 520 -21.24 -7.77 -37.80
CA LEU A 520 -21.24 -6.49 -37.10
C LEU A 520 -20.16 -5.58 -37.69
N PRO A 521 -20.58 -4.46 -38.31
CA PRO A 521 -19.61 -3.54 -38.90
C PRO A 521 -18.77 -2.67 -37.97
N SER A 522 -19.33 -2.27 -36.83
CA SER A 522 -18.59 -1.40 -35.92
C SER A 522 -18.92 -1.64 -34.45
N LYS A 523 -18.10 -1.05 -33.59
CA LYS A 523 -18.25 -1.19 -32.15
C LYS A 523 -17.84 0.08 -31.40
N HIS A 524 -18.66 0.48 -30.44
CA HIS A 524 -18.34 1.65 -29.64
C HIS A 524 -17.53 1.23 -28.42
N VAL A 525 -16.53 2.04 -28.10
CA VAL A 525 -15.69 1.82 -26.93
C VAL A 525 -15.64 3.15 -26.19
N VAL A 526 -15.49 3.10 -24.88
CA VAL A 526 -15.46 4.31 -24.07
C VAL A 526 -14.30 4.26 -23.10
N MET A 527 -13.61 5.39 -22.95
CA MET A 527 -12.50 5.49 -22.00
C MET A 527 -12.86 6.44 -20.88
N HIS A 528 -12.46 6.08 -19.67
CA HIS A 528 -12.69 6.92 -18.50
C HIS A 528 -11.34 7.40 -17.97
N ASN A 529 -11.30 8.65 -17.55
CA ASN A 529 -10.08 9.26 -17.01
C ASN A 529 -10.38 9.74 -15.59
N THR A 530 -9.96 8.97 -14.59
CA THR A 530 -10.24 9.33 -13.21
C THR A 530 -9.44 10.55 -12.70
N LEU A 531 -8.39 10.94 -13.42
CA LEU A 531 -7.58 12.09 -13.00
C LEU A 531 -8.26 13.42 -13.37
N PRO A 532 -8.06 14.47 -12.54
CA PRO A 532 -8.65 15.79 -12.75
C PRO A 532 -7.99 16.72 -13.77
N HIS A 533 -7.50 16.16 -14.87
CA HIS A 533 -6.91 16.97 -15.93
C HIS A 533 -7.06 16.22 -17.23
N TRP A 534 -7.13 16.96 -18.34
CA TRP A 534 -7.26 16.31 -19.64
C TRP A 534 -6.09 15.37 -19.79
N ARG A 535 -6.34 14.20 -20.34
CA ARG A 535 -5.26 13.24 -20.51
C ARG A 535 -5.36 12.45 -21.80
N GLU A 536 -4.19 12.26 -22.41
CA GLU A 536 -4.07 11.47 -23.62
C GLU A 536 -3.25 10.25 -23.21
N GLN A 537 -3.62 9.10 -23.76
CA GLN A 537 -2.92 7.87 -23.45
C GLN A 537 -3.25 6.88 -24.56
N LEU A 538 -2.27 6.11 -24.98
CA LEU A 538 -2.53 5.11 -26.00
C LEU A 538 -3.33 4.00 -25.33
N VAL A 539 -4.34 3.51 -26.03
CA VAL A 539 -5.17 2.41 -25.53
C VAL A 539 -5.21 1.35 -26.62
N ASP A 540 -5.36 0.09 -26.23
CA ASP A 540 -5.41 -0.97 -27.22
C ASP A 540 -6.60 -1.89 -26.95
N PHE A 541 -7.07 -2.53 -28.03
CA PHE A 541 -8.19 -3.46 -27.95
C PHE A 541 -7.88 -4.62 -28.87
N TYR A 542 -8.45 -5.79 -28.58
CA TYR A 542 -8.26 -6.94 -29.44
C TYR A 542 -9.41 -6.90 -30.43
N VAL A 543 -9.11 -7.07 -31.71
CA VAL A 543 -10.12 -7.07 -32.76
C VAL A 543 -9.96 -8.30 -33.64
N SER A 544 -11.05 -8.77 -34.24
CA SER A 544 -11.03 -9.97 -35.08
C SER A 544 -10.50 -9.74 -36.50
N SER A 545 -10.12 -8.50 -36.81
CA SER A 545 -9.60 -8.17 -38.13
C SER A 545 -8.55 -7.08 -38.05
N PRO A 546 -7.54 -7.13 -38.91
CA PRO A 546 -6.48 -6.11 -38.88
C PRO A 546 -6.95 -4.85 -39.62
N PHE A 547 -8.02 -4.98 -40.40
CA PHE A 547 -8.55 -3.87 -41.18
C PHE A 547 -9.63 -3.12 -40.40
N VAL A 548 -9.18 -2.40 -39.38
CA VAL A 548 -10.07 -1.63 -38.53
C VAL A 548 -9.60 -0.18 -38.45
N SER A 549 -10.56 0.74 -38.52
CA SER A 549 -10.28 2.16 -38.46
C SER A 549 -10.99 2.74 -37.24
N VAL A 550 -10.41 3.80 -36.68
CA VAL A 550 -10.97 4.45 -35.50
C VAL A 550 -11.46 5.86 -35.79
N THR A 551 -12.56 6.23 -35.16
CA THR A 551 -13.15 7.56 -35.29
C THR A 551 -13.67 7.99 -33.93
N ASP A 552 -13.78 9.29 -33.69
CA ASP A 552 -14.33 9.78 -32.43
C ASP A 552 -15.83 9.91 -32.71
N LEU A 553 -16.63 10.37 -31.75
CA LEU A 553 -18.06 10.44 -32.05
C LEU A 553 -18.42 11.46 -33.12
N ALA A 554 -17.56 12.45 -33.33
CA ALA A 554 -17.83 13.46 -34.35
C ALA A 554 -17.43 12.89 -35.70
N ASN A 555 -17.10 11.60 -35.71
CA ASN A 555 -16.70 10.90 -36.92
C ASN A 555 -15.35 11.36 -37.48
N ASN A 556 -14.53 11.99 -36.63
CA ASN A 556 -13.21 12.44 -37.06
C ASN A 556 -12.29 11.23 -37.04
N PRO A 557 -11.55 11.01 -38.12
CA PRO A 557 -10.64 9.85 -38.12
C PRO A 557 -9.59 10.02 -37.04
N VAL A 558 -9.18 8.90 -36.44
CA VAL A 558 -8.16 8.91 -35.40
C VAL A 558 -7.04 7.97 -35.86
N GLU A 559 -5.80 8.46 -35.84
CA GLU A 559 -4.69 7.62 -36.28
C GLU A 559 -4.57 6.40 -35.38
N ALA A 560 -4.43 5.24 -36.01
CA ALA A 560 -4.32 3.99 -35.26
C ALA A 560 -3.21 3.11 -35.80
N GLN A 561 -2.80 2.15 -34.98
CA GLN A 561 -1.76 1.19 -35.34
C GLN A 561 -2.24 -0.21 -34.97
N VAL A 562 -2.01 -1.17 -35.86
CA VAL A 562 -2.40 -2.54 -35.58
C VAL A 562 -1.13 -3.37 -35.45
N SER A 563 -1.08 -4.19 -34.42
CA SER A 563 0.06 -5.07 -34.16
C SER A 563 -0.49 -6.46 -33.93
N PRO A 564 0.37 -7.49 -34.06
CA PRO A 564 -0.12 -8.85 -33.84
C PRO A 564 -0.34 -9.09 -32.35
N VAL A 565 -1.00 -10.20 -32.02
CA VAL A 565 -1.19 -10.58 -30.63
C VAL A 565 -0.15 -11.65 -30.40
N TRP A 566 0.90 -11.30 -29.67
CA TRP A 566 1.97 -12.24 -29.39
C TRP A 566 1.87 -12.89 -28.02
N SER A 567 2.06 -14.21 -27.98
CA SER A 567 2.03 -14.95 -26.74
C SER A 567 3.31 -15.76 -26.66
N TRP A 568 3.94 -15.77 -25.49
CA TRP A 568 5.18 -16.52 -25.31
C TRP A 568 4.90 -17.88 -24.69
N HIS A 569 5.61 -18.89 -25.18
CA HIS A 569 5.42 -20.24 -24.70
C HIS A 569 6.74 -20.97 -24.45
N HIS A 570 6.76 -21.78 -23.40
CA HIS A 570 7.95 -22.55 -23.06
C HIS A 570 7.85 -23.85 -23.84
N ASP A 571 8.44 -23.87 -25.04
CA ASP A 571 8.41 -25.05 -25.89
C ASP A 571 9.14 -26.22 -25.23
N THR A 572 8.38 -27.17 -24.71
CA THR A 572 8.94 -28.34 -24.05
C THR A 572 9.74 -29.19 -25.02
N LEU A 573 9.41 -29.10 -26.30
CA LEU A 573 10.10 -29.86 -27.34
C LEU A 573 11.44 -29.26 -27.72
N THR A 574 11.43 -28.03 -28.20
CA THR A 574 12.67 -27.35 -28.61
C THR A 574 13.45 -26.82 -27.43
N LYS A 575 12.83 -26.85 -26.24
CA LYS A 575 13.48 -26.35 -25.03
C LYS A 575 13.87 -24.88 -25.18
N THR A 576 12.97 -24.10 -25.75
CA THR A 576 13.20 -22.67 -25.95
C THR A 576 11.95 -21.90 -25.57
N ILE A 577 12.13 -20.61 -25.31
CA ILE A 577 11.02 -19.74 -24.95
C ILE A 577 10.86 -18.81 -26.14
N HIS A 578 9.79 -18.99 -26.91
CA HIS A 578 9.57 -18.15 -28.09
C HIS A 578 8.13 -17.70 -28.24
N PRO A 579 7.91 -16.63 -29.02
CA PRO A 579 6.57 -16.09 -29.24
C PRO A 579 5.82 -16.66 -30.43
N GLN A 580 4.51 -16.83 -30.25
CA GLN A 580 3.64 -17.32 -31.29
C GLN A 580 2.62 -16.22 -31.53
N GLY A 581 2.33 -15.94 -32.80
CA GLY A 581 1.38 -14.89 -33.12
C GLY A 581 0.01 -15.45 -33.44
N SER A 582 -1.03 -14.71 -33.07
CA SER A 582 -2.39 -15.14 -33.35
C SER A 582 -2.75 -14.92 -34.81
N THR A 583 -3.55 -15.82 -35.36
CA THR A 583 -3.98 -15.73 -36.75
C THR A 583 -5.47 -15.39 -36.82
N THR A 584 -6.05 -15.03 -35.68
CA THR A 584 -7.48 -14.71 -35.63
C THR A 584 -7.78 -13.46 -34.81
N LYS A 585 -6.79 -12.99 -34.06
CA LYS A 585 -6.93 -11.82 -33.20
C LYS A 585 -5.78 -10.84 -33.43
N TYR A 586 -6.08 -9.55 -33.36
CA TYR A 586 -5.05 -8.52 -33.55
C TYR A 586 -5.26 -7.37 -32.57
N ARG A 587 -4.21 -6.58 -32.34
CA ARG A 587 -4.29 -5.45 -31.42
C ARG A 587 -4.41 -4.14 -32.19
N ILE A 588 -5.42 -3.34 -31.88
CA ILE A 588 -5.51 -2.03 -32.51
C ILE A 588 -5.18 -1.03 -31.41
N ILE A 589 -4.32 -0.07 -31.75
CA ILE A 589 -3.84 0.92 -30.80
C ILE A 589 -4.09 2.34 -31.28
N PHE A 590 -4.56 3.21 -30.39
CA PHE A 590 -4.79 4.59 -30.76
C PHE A 590 -4.76 5.48 -29.55
N LYS A 591 -4.54 6.77 -29.79
CA LYS A 591 -4.48 7.73 -28.70
C LYS A 591 -5.85 8.25 -28.31
N ALA A 592 -6.22 8.00 -27.07
CA ALA A 592 -7.51 8.47 -26.58
C ALA A 592 -7.29 9.76 -25.80
N ARG A 593 -8.16 10.74 -26.00
CA ARG A 593 -8.07 12.02 -25.30
C ARG A 593 -9.34 12.10 -24.49
N VAL A 594 -9.19 12.14 -23.17
CA VAL A 594 -10.33 12.14 -22.25
C VAL A 594 -10.38 13.34 -21.32
N PRO A 595 -11.60 13.89 -21.08
CA PRO A 595 -11.76 15.05 -20.19
C PRO A 595 -11.39 14.73 -18.74
N PRO A 596 -11.18 15.78 -17.93
CA PRO A 596 -10.83 15.57 -16.53
C PRO A 596 -11.99 14.81 -15.88
N MET A 597 -11.69 13.75 -15.13
CA MET A 597 -12.73 12.96 -14.45
C MET A 597 -13.89 12.72 -15.42
N GLY A 598 -13.55 12.43 -16.68
CA GLY A 598 -14.58 12.25 -17.68
C GLY A 598 -14.53 11.00 -18.55
N LEU A 599 -15.32 11.04 -19.61
CA LEU A 599 -15.43 9.91 -20.54
C LEU A 599 -15.36 10.39 -21.99
N ALA A 600 -14.84 9.53 -22.86
CA ALA A 600 -14.74 9.84 -24.28
C ALA A 600 -15.09 8.58 -25.06
N THR A 601 -15.96 8.73 -26.06
CA THR A 601 -16.42 7.62 -26.88
C THR A 601 -15.75 7.57 -28.24
N TYR A 602 -15.37 6.37 -28.67
CA TYR A 602 -14.76 6.17 -29.97
C TYR A 602 -15.46 5.00 -30.66
N VAL A 603 -15.27 4.88 -31.97
CA VAL A 603 -15.88 3.82 -32.73
C VAL A 603 -14.82 3.08 -33.55
N LEU A 604 -14.89 1.75 -33.54
CA LEU A 604 -13.97 0.91 -34.30
C LEU A 604 -14.81 0.34 -35.44
N THR A 605 -14.37 0.56 -36.67
CA THR A 605 -15.11 0.10 -37.84
C THR A 605 -14.24 -0.79 -38.73
N ILE A 606 -14.82 -1.87 -39.22
CA ILE A 606 -14.10 -2.79 -40.07
C ILE A 606 -14.23 -2.37 -41.53
N SER A 607 -13.24 -2.75 -42.33
CA SER A 607 -13.24 -2.45 -43.76
C SER A 607 -12.68 -3.67 -44.47
N ASP A 608 -12.86 -3.74 -45.79
CA ASP A 608 -12.37 -4.89 -46.55
C ASP A 608 -10.85 -4.85 -46.75
N SER A 609 -10.29 -3.64 -46.79
CA SER A 609 -8.85 -3.48 -46.98
C SER A 609 -8.25 -2.51 -45.96
N LYS A 610 -6.93 -2.34 -46.03
CA LYS A 610 -6.23 -1.44 -45.13
C LYS A 610 -6.82 -0.04 -45.15
N PRO A 611 -7.32 0.43 -44.00
CA PRO A 611 -7.91 1.77 -43.90
C PRO A 611 -6.83 2.86 -43.98
N GLU A 612 -7.23 4.03 -44.46
CA GLU A 612 -6.32 5.15 -44.63
C GLU A 612 -5.58 5.62 -43.39
N HIS A 613 -6.24 5.60 -42.24
CA HIS A 613 -5.63 6.09 -41.01
C HIS A 613 -5.10 5.05 -40.04
N THR A 614 -4.91 3.82 -40.52
CA THR A 614 -4.38 2.75 -39.70
C THR A 614 -3.10 2.22 -40.33
N SER A 615 -2.05 2.14 -39.54
CA SER A 615 -0.77 1.63 -40.00
C SER A 615 -0.52 0.28 -39.36
N TYR A 616 0.44 -0.46 -39.88
CA TYR A 616 0.74 -1.78 -39.35
C TYR A 616 2.20 -1.89 -38.95
N ALA A 617 2.43 -2.43 -37.76
CA ALA A 617 3.79 -2.58 -37.24
C ALA A 617 4.55 -3.67 -37.95
N SER A 618 5.87 -3.48 -38.04
CA SER A 618 6.72 -4.50 -38.62
C SER A 618 7.12 -5.37 -37.44
N ASN A 619 7.50 -6.60 -37.71
CA ASN A 619 7.90 -7.52 -36.64
C ASN A 619 9.17 -8.26 -37.06
N LEU A 620 10.12 -8.30 -36.13
CA LEU A 620 11.40 -8.96 -36.38
C LEU A 620 11.72 -9.92 -35.25
N LEU A 621 11.86 -11.20 -35.60
CA LEU A 621 12.17 -12.23 -34.62
C LEU A 621 13.65 -12.56 -34.74
N LEU A 622 14.40 -12.26 -33.69
CA LEU A 622 15.83 -12.51 -33.68
C LEU A 622 16.21 -13.75 -32.89
N ARG A 623 16.83 -14.70 -33.58
CA ARG A 623 17.29 -15.94 -32.97
C ARG A 623 17.80 -16.87 -34.05
N LYS A 624 18.59 -17.85 -33.63
CA LYS A 624 19.14 -18.82 -34.56
C LYS A 624 18.11 -19.92 -34.79
N ASN A 625 18.15 -20.54 -35.96
CA ASN A 625 17.23 -21.62 -36.30
C ASN A 625 15.78 -21.17 -36.19
N PRO A 626 15.40 -20.11 -36.91
CA PRO A 626 14.02 -19.63 -36.86
C PRO A 626 13.07 -20.45 -37.72
N THR A 627 11.79 -20.36 -37.39
CA THR A 627 10.75 -21.05 -38.14
C THR A 627 9.71 -19.99 -38.50
N SER A 628 8.95 -20.23 -39.56
CA SER A 628 7.93 -19.30 -40.00
C SER A 628 6.96 -18.89 -38.90
N LEU A 629 6.39 -17.70 -39.05
CA LEU A 629 5.44 -17.17 -38.09
C LEU A 629 4.29 -16.49 -38.83
N PRO A 630 3.32 -17.28 -39.33
CA PRO A 630 2.18 -16.73 -40.05
C PRO A 630 1.27 -15.94 -39.11
N LEU A 631 0.62 -14.91 -39.64
CA LEU A 631 -0.24 -14.07 -38.82
C LEU A 631 -1.62 -13.84 -39.44
N GLY A 632 -2.11 -14.84 -40.18
CA GLY A 632 -3.42 -14.71 -40.80
C GLY A 632 -3.54 -13.54 -41.76
N GLN A 633 -4.53 -12.68 -41.51
CA GLN A 633 -4.77 -11.52 -42.37
C GLN A 633 -3.79 -10.38 -42.18
N TYR A 634 -2.95 -10.46 -41.15
CA TYR A 634 -1.99 -9.40 -40.89
C TYR A 634 -1.20 -9.04 -42.15
N PRO A 635 -1.24 -7.75 -42.55
CA PRO A 635 -0.59 -7.16 -43.73
C PRO A 635 0.89 -7.44 -43.97
N GLU A 636 1.74 -7.20 -42.98
CA GLU A 636 3.17 -7.42 -43.17
C GLU A 636 3.72 -8.73 -42.64
N ASP A 637 4.62 -9.33 -43.42
CA ASP A 637 5.23 -10.60 -43.04
C ASP A 637 6.32 -10.41 -42.00
N VAL A 638 6.38 -11.32 -41.05
CA VAL A 638 7.40 -11.26 -40.01
C VAL A 638 8.77 -11.49 -40.64
N LYS A 639 9.76 -10.76 -40.15
CA LYS A 639 11.13 -10.87 -40.63
C LYS A 639 11.95 -11.62 -39.59
N PHE A 640 13.03 -12.25 -40.03
CA PHE A 640 13.88 -13.01 -39.11
C PHE A 640 15.35 -12.62 -39.24
N GLY A 641 16.15 -12.99 -38.25
CA GLY A 641 17.56 -12.68 -38.28
C GLY A 641 18.29 -13.20 -37.06
N ASP A 642 19.61 -13.26 -37.12
CA ASP A 642 20.37 -13.74 -35.96
C ASP A 642 20.37 -12.64 -34.90
N PRO A 643 20.51 -13.02 -33.64
CA PRO A 643 20.52 -12.04 -32.55
C PRO A 643 21.54 -10.93 -32.85
N ARG A 644 21.17 -9.69 -32.58
CA ARG A 644 22.06 -8.56 -32.82
C ARG A 644 21.58 -7.36 -32.01
N GLU A 645 22.46 -6.39 -31.83
CA GLU A 645 22.08 -5.20 -31.08
C GLU A 645 21.15 -4.39 -31.96
N ILE A 646 20.17 -3.72 -31.34
CA ILE A 646 19.22 -2.92 -32.08
C ILE A 646 18.95 -1.60 -31.39
N SER A 647 18.47 -0.63 -32.17
CA SER A 647 18.13 0.69 -31.67
C SER A 647 16.73 1.04 -32.17
N LEU A 648 15.94 1.68 -31.31
CA LEU A 648 14.58 2.06 -31.66
C LEU A 648 14.23 3.43 -31.13
N ARG A 649 13.35 4.12 -31.84
CA ARG A 649 12.90 5.44 -31.44
C ARG A 649 11.47 5.66 -31.93
N VAL A 650 10.58 6.02 -31.01
CA VAL A 650 9.19 6.27 -31.36
C VAL A 650 8.94 7.78 -31.23
N GLY A 651 8.31 8.36 -32.24
CA GLY A 651 8.05 9.79 -32.23
C GLY A 651 9.32 10.60 -32.02
N ASN A 652 9.20 11.68 -31.25
CA ASN A 652 10.34 12.54 -30.97
C ASN A 652 10.93 12.15 -29.61
N GLY A 653 10.50 11.01 -29.11
CA GLY A 653 10.96 10.53 -27.82
C GLY A 653 12.40 10.10 -27.81
N PRO A 654 12.83 9.38 -26.76
CA PRO A 654 14.22 8.91 -26.65
C PRO A 654 14.53 7.76 -27.60
N THR A 655 15.81 7.55 -27.85
CA THR A 655 16.27 6.47 -28.71
C THR A 655 16.89 5.46 -27.76
N LEU A 656 16.37 4.23 -27.77
CA LEU A 656 16.86 3.18 -26.90
C LEU A 656 17.67 2.13 -27.65
N ALA A 657 18.79 1.73 -27.06
CA ALA A 657 19.64 0.72 -27.65
C ALA A 657 19.55 -0.54 -26.80
N PHE A 658 19.52 -1.70 -27.45
CA PHE A 658 19.41 -2.98 -26.75
C PHE A 658 20.54 -3.93 -27.13
N SER A 659 20.92 -4.79 -26.20
CA SER A 659 21.97 -5.78 -26.45
C SER A 659 21.34 -6.87 -27.32
N GLU A 660 22.16 -7.81 -27.78
CA GLU A 660 21.64 -8.89 -28.61
C GLU A 660 20.76 -9.84 -27.79
N GLN A 661 20.70 -9.61 -26.48
CA GLN A 661 19.88 -10.43 -25.59
C GLN A 661 18.56 -9.74 -25.31
N GLY A 662 18.31 -8.64 -26.03
CA GLY A 662 17.07 -7.90 -25.88
C GLY A 662 16.95 -7.05 -24.63
N LEU A 663 18.08 -6.75 -24.00
CA LEU A 663 18.08 -5.94 -22.78
C LEU A 663 18.61 -4.54 -23.05
N LEU A 664 17.97 -3.55 -22.43
CA LEU A 664 18.37 -2.16 -22.58
C LEU A 664 19.85 -1.97 -22.27
N LYS A 665 20.52 -1.16 -23.10
CA LYS A 665 21.93 -0.87 -22.91
C LYS A 665 22.19 0.63 -22.76
N SER A 666 21.39 1.46 -23.43
CA SER A 666 21.55 2.90 -23.36
C SER A 666 20.29 3.66 -23.74
N ILE A 667 20.22 4.92 -23.33
CA ILE A 667 19.10 5.80 -23.62
C ILE A 667 19.62 7.15 -24.11
N GLN A 668 19.13 7.60 -25.26
CA GLN A 668 19.52 8.89 -25.80
C GLN A 668 18.28 9.77 -25.76
N LEU A 669 18.28 10.76 -24.88
CA LEU A 669 17.12 11.64 -24.74
C LEU A 669 16.77 12.44 -25.98
N THR A 670 17.78 12.99 -26.66
CA THR A 670 17.55 13.77 -27.86
C THR A 670 18.52 13.36 -28.96
N GLN A 671 18.23 13.77 -30.19
CA GLN A 671 19.08 13.43 -31.33
C GLN A 671 20.47 14.02 -31.15
N ASP A 672 20.56 15.06 -30.32
CA ASP A 672 21.84 15.73 -30.06
C ASP A 672 22.56 15.08 -28.88
N SER A 673 21.83 14.86 -27.79
CA SER A 673 22.38 14.27 -26.59
C SER A 673 23.11 12.95 -26.85
N PRO A 674 23.93 12.51 -25.88
CA PRO A 674 24.69 11.26 -26.00
C PRO A 674 23.90 10.02 -25.54
N HIS A 675 24.45 8.85 -25.84
CA HIS A 675 23.83 7.58 -25.45
C HIS A 675 24.21 7.27 -24.01
N VAL A 676 23.33 7.59 -23.08
CA VAL A 676 23.59 7.35 -21.66
C VAL A 676 23.49 5.87 -21.29
N PRO A 677 24.57 5.30 -20.74
CA PRO A 677 24.56 3.89 -20.35
C PRO A 677 23.51 3.59 -19.26
N VAL A 678 22.58 2.71 -19.60
CA VAL A 678 21.52 2.28 -18.68
C VAL A 678 21.30 0.82 -19.05
N HIS A 679 21.85 -0.08 -18.25
CA HIS A 679 21.77 -1.51 -18.54
C HIS A 679 20.86 -2.30 -17.61
N PHE A 680 19.93 -3.05 -18.21
CA PHE A 680 19.03 -3.90 -17.44
C PHE A 680 19.72 -5.26 -17.34
N LYS A 681 19.63 -5.88 -16.18
CA LYS A 681 20.24 -7.18 -15.94
C LYS A 681 19.43 -7.93 -14.90
N PHE A 682 19.27 -9.24 -15.12
CA PHE A 682 18.54 -10.06 -14.16
C PHE A 682 19.51 -10.95 -13.42
N LEU A 683 19.36 -11.00 -12.10
CA LEU A 683 20.23 -11.82 -11.26
C LEU A 683 19.40 -12.63 -10.28
N LYS A 684 20.06 -13.51 -9.54
CA LYS A 684 19.36 -14.33 -8.57
C LYS A 684 20.05 -14.41 -7.22
N TYR A 685 19.25 -14.35 -6.17
CA TYR A 685 19.75 -14.48 -4.81
C TYR A 685 19.39 -15.88 -4.35
N GLY A 686 20.22 -16.47 -3.51
CA GLY A 686 19.94 -17.79 -3.00
C GLY A 686 19.62 -17.75 -1.52
N VAL A 687 19.65 -18.92 -0.90
CA VAL A 687 19.37 -19.07 0.52
C VAL A 687 20.56 -19.75 1.19
N ARG A 688 20.82 -19.38 2.44
CA ARG A 688 21.95 -19.94 3.18
C ARG A 688 21.76 -21.42 3.48
N SER A 689 22.84 -22.18 3.38
CA SER A 689 22.82 -23.62 3.65
C SER A 689 23.09 -23.86 5.12
N HIS A 690 23.48 -22.80 5.82
CA HIS A 690 23.77 -22.86 7.24
C HIS A 690 23.10 -21.68 7.94
N GLY A 691 22.62 -21.91 9.15
CA GLY A 691 21.98 -20.83 9.89
C GLY A 691 20.54 -20.54 9.48
N ASP A 692 20.11 -19.31 9.72
CA ASP A 692 18.76 -18.86 9.42
C ASP A 692 18.45 -18.82 7.93
N ARG A 693 17.27 -19.33 7.57
CA ARG A 693 16.84 -19.37 6.18
C ARG A 693 15.79 -18.32 5.87
N SER A 694 15.80 -17.84 4.61
CA SER A 694 14.85 -16.85 4.15
C SER A 694 13.46 -17.49 4.12
N GLY A 695 12.45 -16.68 4.36
CA GLY A 695 11.08 -17.15 4.35
C GLY A 695 10.19 -16.01 3.90
N ALA A 696 8.89 -16.13 4.14
CA ALA A 696 7.94 -15.09 3.74
C ALA A 696 8.25 -13.72 4.33
N TYR A 697 8.83 -13.70 5.52
CA TYR A 697 9.18 -12.44 6.18
C TYR A 697 10.61 -11.99 5.97
N LEU A 698 11.54 -12.91 6.23
CA LEU A 698 12.96 -12.62 6.17
C LEU A 698 13.69 -12.81 4.85
N PHE A 699 14.60 -11.89 4.57
CA PHE A 699 15.45 -11.92 3.38
C PHE A 699 16.86 -12.17 3.94
N LEU A 700 17.36 -13.39 3.77
CA LEU A 700 18.68 -13.76 4.28
C LEU A 700 19.48 -14.36 3.13
N PRO A 701 19.92 -13.50 2.19
CA PRO A 701 20.69 -13.96 1.03
C PRO A 701 22.02 -14.61 1.37
N ASN A 702 22.45 -15.53 0.51
CA ASN A 702 23.72 -16.21 0.70
C ASN A 702 24.74 -15.45 -0.15
N GLY A 703 24.83 -14.15 0.12
CA GLY A 703 25.76 -13.29 -0.60
C GLY A 703 25.11 -12.49 -1.72
N PRO A 704 25.87 -11.62 -2.39
CA PRO A 704 25.36 -10.80 -3.49
C PRO A 704 24.78 -11.71 -4.57
N ALA A 705 23.84 -11.17 -5.34
CA ALA A 705 23.18 -11.92 -6.40
C ALA A 705 24.12 -12.35 -7.51
N SER A 706 23.78 -13.46 -8.17
CA SER A 706 24.56 -13.99 -9.27
C SER A 706 23.76 -13.80 -10.55
N PRO A 707 24.43 -13.44 -11.65
CA PRO A 707 23.74 -13.22 -12.92
C PRO A 707 22.97 -14.46 -13.39
N VAL A 708 21.77 -14.24 -13.92
CA VAL A 708 20.97 -15.35 -14.44
C VAL A 708 21.59 -15.76 -15.77
N GLU A 709 21.79 -17.05 -15.97
CA GLU A 709 22.36 -17.54 -17.23
C GLU A 709 21.26 -17.41 -18.28
N LEU A 710 21.49 -16.52 -19.25
CA LEU A 710 20.51 -16.27 -20.30
C LEU A 710 20.60 -17.14 -21.54
N GLY A 711 21.79 -17.68 -21.80
CA GLY A 711 21.96 -18.50 -22.99
C GLY A 711 21.78 -17.61 -24.21
N GLN A 712 21.03 -18.09 -25.21
CA GLN A 712 20.79 -17.31 -26.42
C GLN A 712 19.28 -17.15 -26.56
N PRO A 713 18.69 -16.23 -25.78
CA PRO A 713 17.25 -15.98 -25.79
C PRO A 713 16.66 -15.44 -27.09
N VAL A 714 15.39 -15.74 -27.30
CA VAL A 714 14.68 -15.27 -28.48
C VAL A 714 14.20 -13.85 -28.22
N VAL A 715 14.48 -12.95 -29.16
CA VAL A 715 14.10 -11.55 -29.03
C VAL A 715 13.11 -11.14 -30.11
N LEU A 716 12.02 -10.50 -29.70
CA LEU A 716 11.00 -10.05 -30.64
C LEU A 716 10.94 -8.53 -30.69
N VAL A 717 11.13 -7.98 -31.88
CA VAL A 717 11.11 -6.54 -32.07
C VAL A 717 9.91 -6.12 -32.90
N THR A 718 9.05 -5.30 -32.33
CA THR A 718 7.89 -4.82 -33.05
C THR A 718 8.07 -3.32 -33.21
N LYS A 719 8.05 -2.86 -34.45
CA LYS A 719 8.24 -1.44 -34.73
C LYS A 719 6.99 -0.82 -35.36
N GLY A 720 6.44 0.17 -34.67
CA GLY A 720 5.25 0.84 -35.17
C GLY A 720 5.37 2.34 -35.03
N LYS A 721 4.48 3.06 -35.70
CA LYS A 721 4.48 4.52 -35.67
C LYS A 721 4.06 5.05 -34.31
N LEU A 722 3.13 4.35 -33.67
CA LEU A 722 2.63 4.78 -32.36
C LEU A 722 3.26 4.02 -31.20
N GLU A 723 3.61 2.76 -31.42
CA GLU A 723 4.18 1.96 -30.36
C GLU A 723 5.14 0.91 -30.88
N SER A 724 6.30 0.81 -30.24
CA SER A 724 7.31 -0.18 -30.61
C SER A 724 7.71 -0.91 -29.34
N SER A 725 8.31 -2.08 -29.49
CA SER A 725 8.72 -2.83 -28.30
C SER A 725 9.75 -3.89 -28.61
N VAL A 726 10.49 -4.26 -27.56
CA VAL A 726 11.49 -5.31 -27.63
C VAL A 726 11.16 -6.24 -26.48
N SER A 727 10.87 -7.49 -26.81
CA SER A 727 10.52 -8.50 -25.81
C SER A 727 11.49 -9.66 -25.93
N VAL A 728 11.90 -10.20 -24.79
CA VAL A 728 12.82 -11.33 -24.79
C VAL A 728 12.40 -12.38 -23.77
N GLY A 729 12.49 -13.64 -24.18
CA GLY A 729 12.12 -14.75 -23.32
C GLY A 729 13.31 -15.24 -22.53
N LEU A 730 13.46 -14.73 -21.32
CA LEU A 730 14.56 -15.11 -20.44
C LEU A 730 14.07 -16.19 -19.49
N PRO A 731 14.99 -16.88 -18.81
CA PRO A 731 14.54 -17.91 -17.88
C PRO A 731 13.76 -17.24 -16.75
N SER A 732 12.52 -17.69 -16.54
CA SER A 732 11.65 -17.16 -15.50
C SER A 732 11.03 -15.79 -15.79
N VAL A 733 11.44 -15.15 -16.88
CA VAL A 733 10.90 -13.83 -17.17
C VAL A 733 10.81 -13.43 -18.63
N VAL A 734 9.62 -13.03 -19.06
CA VAL A 734 9.48 -12.53 -20.42
C VAL A 734 9.58 -11.02 -20.15
N HIS A 735 10.72 -10.45 -20.52
CA HIS A 735 11.04 -9.04 -20.32
C HIS A 735 10.66 -8.21 -21.53
N GLN A 736 9.91 -7.13 -21.31
CA GLN A 736 9.47 -6.30 -22.42
C GLN A 736 9.70 -4.81 -22.18
N THR A 737 10.23 -4.14 -23.19
CA THR A 737 10.44 -2.70 -23.14
C THR A 737 9.55 -2.09 -24.21
N ILE A 738 8.58 -1.29 -23.80
CA ILE A 738 7.64 -0.67 -24.72
C ILE A 738 7.86 0.83 -24.85
N MET A 739 7.86 1.32 -26.08
CA MET A 739 8.07 2.74 -26.36
C MET A 739 6.87 3.37 -27.05
N ARG A 740 6.40 4.48 -26.51
CA ARG A 740 5.25 5.18 -27.08
C ARG A 740 5.50 6.66 -27.30
N GLY A 741 6.77 7.06 -27.23
CA GLY A 741 7.10 8.46 -27.46
C GLY A 741 7.70 9.16 -26.26
N GLY A 742 7.57 8.55 -25.08
CA GLY A 742 8.13 9.14 -23.87
C GLY A 742 8.97 8.14 -23.13
N ALA A 743 8.99 8.23 -21.80
CA ALA A 743 9.75 7.28 -20.99
C ALA A 743 9.20 5.89 -21.32
N PRO A 744 10.09 4.92 -21.51
CA PRO A 744 9.57 3.58 -21.83
C PRO A 744 8.81 2.92 -20.68
N GLU A 745 7.99 1.94 -21.05
CA GLU A 745 7.26 1.16 -20.07
C GLU A 745 7.95 -0.20 -20.08
N ILE A 746 8.16 -0.77 -18.91
CA ILE A 746 8.78 -2.08 -18.81
C ILE A 746 7.74 -3.03 -18.24
N ARG A 747 7.63 -4.22 -18.82
CA ARG A 747 6.70 -5.23 -18.32
C ARG A 747 7.45 -6.55 -18.20
N ASN A 748 7.32 -7.18 -17.04
CA ASN A 748 7.96 -8.46 -16.79
C ASN A 748 6.91 -9.51 -16.48
N LEU A 749 6.85 -10.56 -17.31
CA LEU A 749 5.92 -11.66 -17.05
C LEU A 749 6.81 -12.61 -16.27
N VAL A 750 6.66 -12.60 -14.95
CA VAL A 750 7.49 -13.40 -14.07
C VAL A 750 6.89 -14.73 -13.65
N ASP A 751 7.56 -15.82 -14.02
CA ASP A 751 7.14 -17.16 -13.66
C ASP A 751 8.37 -17.88 -13.13
N ILE A 752 8.56 -17.81 -11.81
CA ILE A 752 9.71 -18.42 -11.16
C ILE A 752 9.63 -19.95 -11.17
N GLY A 753 8.51 -20.48 -11.67
CA GLY A 753 8.32 -21.91 -11.77
C GLY A 753 8.68 -22.70 -10.52
N SER A 754 9.54 -23.71 -10.69
CA SER A 754 9.95 -24.56 -9.57
C SER A 754 11.36 -24.28 -9.07
N LEU A 755 11.87 -23.07 -9.34
CA LEU A 755 13.20 -22.68 -8.90
C LEU A 755 13.18 -22.41 -7.40
N ASP A 756 13.33 -23.46 -6.61
CA ASP A 756 13.30 -23.33 -5.16
C ASP A 756 14.47 -22.54 -4.60
N ASN A 757 14.21 -21.87 -3.47
CA ASN A 757 15.20 -21.05 -2.78
C ASN A 757 15.91 -20.10 -3.74
N THR A 758 15.11 -19.36 -4.49
CA THR A 758 15.62 -18.40 -5.45
C THR A 758 14.80 -17.11 -5.41
N GLU A 759 15.49 -15.98 -5.48
CA GLU A 759 14.82 -14.69 -5.51
C GLU A 759 15.36 -14.01 -6.76
N ILE A 760 14.45 -13.66 -7.67
CA ILE A 760 14.84 -13.03 -8.93
C ILE A 760 14.81 -11.52 -8.81
N VAL A 761 15.92 -10.89 -9.15
CA VAL A 761 16.01 -9.44 -9.07
C VAL A 761 16.30 -8.80 -10.43
N MET A 762 15.70 -7.64 -10.65
CA MET A 762 15.95 -6.89 -11.88
C MET A 762 16.80 -5.71 -11.46
N ARG A 763 17.98 -5.59 -12.04
CA ARG A 763 18.89 -4.51 -11.69
C ARG A 763 19.18 -3.61 -12.86
N LEU A 764 19.40 -2.33 -12.55
CA LEU A 764 19.75 -1.30 -13.54
C LEU A 764 21.15 -0.82 -13.18
N GLU A 765 22.05 -0.82 -14.16
CA GLU A 765 23.42 -0.37 -13.94
C GLU A 765 23.67 0.90 -14.76
N THR A 766 24.13 1.97 -14.11
CA THR A 766 24.39 3.22 -14.80
C THR A 766 25.70 3.86 -14.35
N HIS A 767 26.00 5.02 -14.93
CA HIS A 767 27.21 5.77 -14.61
C HIS A 767 26.89 6.92 -13.67
N ILE A 768 25.66 6.96 -13.18
CA ILE A 768 25.24 8.02 -12.26
C ILE A 768 26.07 7.92 -11.00
N ASP A 769 26.67 9.04 -10.60
CA ASP A 769 27.51 9.09 -9.42
C ASP A 769 26.67 9.31 -8.17
N SER A 770 25.83 8.34 -7.85
CA SER A 770 24.94 8.43 -6.69
C SER A 770 25.63 8.11 -5.36
N GLY A 771 26.76 7.42 -5.42
CA GLY A 771 27.47 7.08 -4.19
C GLY A 771 26.71 6.08 -3.33
N ASP A 772 26.32 6.49 -2.13
CA ASP A 772 25.59 5.61 -1.24
C ASP A 772 24.17 6.12 -1.00
N ILE A 773 23.74 7.06 -1.83
CA ILE A 773 22.41 7.64 -1.70
C ILE A 773 21.41 7.18 -2.77
N PHE A 774 20.18 6.96 -2.34
CA PHE A 774 19.10 6.59 -3.24
C PHE A 774 17.78 6.97 -2.57
N TYR A 775 16.71 7.00 -3.35
CA TYR A 775 15.42 7.40 -2.81
C TYR A 775 14.37 6.35 -3.10
N THR A 776 13.48 6.14 -2.13
CA THR A 776 12.39 5.19 -2.28
C THR A 776 11.17 5.89 -1.71
N ASP A 777 9.98 5.48 -2.13
CA ASP A 777 8.79 6.14 -1.61
C ASP A 777 8.17 5.42 -0.44
N LEU A 778 7.32 6.14 0.27
CA LEU A 778 6.60 5.57 1.40
C LEU A 778 5.12 5.65 1.07
N ASN A 779 4.51 4.48 0.88
CA ASN A 779 3.07 4.38 0.60
C ASN A 779 2.57 5.20 -0.59
N GLY A 780 3.44 5.45 -1.55
CA GLY A 780 3.05 6.23 -2.72
C GLY A 780 2.69 7.66 -2.40
N LEU A 781 3.15 8.13 -1.25
CA LEU A 781 2.86 9.47 -0.77
C LEU A 781 4.04 10.44 -0.79
N GLN A 782 5.21 9.93 -0.44
CA GLN A 782 6.41 10.77 -0.34
C GLN A 782 7.66 9.97 -0.64
N PHE A 783 8.72 10.66 -1.06
CA PHE A 783 9.99 10.01 -1.33
C PHE A 783 10.96 10.39 -0.22
N ILE A 784 11.57 9.37 0.36
CA ILE A 784 12.50 9.54 1.46
C ILE A 784 13.91 9.15 1.06
N LYS A 785 14.88 9.94 1.51
CA LYS A 785 16.28 9.69 1.22
C LYS A 785 16.79 8.48 1.98
N ARG A 786 17.47 7.59 1.26
CA ARG A 786 18.04 6.39 1.85
C ARG A 786 19.56 6.48 1.71
N ARG A 787 20.26 5.90 2.67
CA ARG A 787 21.72 5.85 2.59
C ARG A 787 22.13 4.41 2.79
N ARG A 788 22.78 3.84 1.78
CA ARG A 788 23.26 2.48 1.86
C ARG A 788 24.31 2.46 2.97
N LEU A 789 24.18 1.52 3.89
CA LEU A 789 25.13 1.40 5.01
C LEU A 789 25.86 0.08 4.95
N ASP A 790 27.15 0.13 4.65
CA ASP A 790 27.91 -1.10 4.56
C ASP A 790 28.15 -1.73 5.93
N LYS A 791 27.83 -0.99 6.99
CA LYS A 791 28.00 -1.54 8.34
C LYS A 791 26.81 -2.48 8.63
N LEU A 792 25.83 -2.48 7.74
CA LEU A 792 24.66 -3.34 7.88
C LEU A 792 24.68 -4.37 6.77
N PRO A 793 24.07 -5.55 7.01
CA PRO A 793 24.06 -6.58 5.96
C PRO A 793 23.19 -6.18 4.76
N LEU A 794 23.43 -6.84 3.64
CA LEU A 794 22.72 -6.57 2.41
C LEU A 794 21.20 -6.43 2.59
N GLN A 795 20.58 -7.40 3.26
CA GLN A 795 19.15 -7.37 3.46
C GLN A 795 18.63 -6.17 4.24
N ALA A 796 19.51 -5.54 5.02
CA ALA A 796 19.12 -4.37 5.80
C ALA A 796 19.03 -3.15 4.91
N ASN A 797 19.72 -3.20 3.76
CA ASN A 797 19.73 -2.10 2.83
C ASN A 797 18.60 -2.20 1.81
N TYR A 798 17.73 -3.18 1.99
CA TYR A 798 16.57 -3.35 1.13
C TYR A 798 15.44 -2.55 1.78
N TYR A 799 14.69 -1.84 0.97
CA TYR A 799 13.58 -1.04 1.47
C TYR A 799 12.33 -1.28 0.64
N PRO A 800 11.17 -0.86 1.16
CA PRO A 800 9.95 -1.07 0.39
C PRO A 800 9.98 -0.13 -0.82
N ILE A 801 9.52 -0.60 -1.97
CA ILE A 801 9.43 0.23 -3.16
C ILE A 801 7.94 0.17 -3.49
N PRO A 802 7.09 0.84 -2.69
CA PRO A 802 5.66 0.79 -2.96
C PRO A 802 5.21 1.37 -4.30
N SER A 803 5.93 2.37 -4.82
CA SER A 803 5.55 2.94 -6.10
C SER A 803 6.71 3.54 -6.89
N GLY A 804 7.88 3.70 -6.27
CA GLY A 804 8.99 4.26 -7.02
C GLY A 804 10.30 4.41 -6.29
N MET A 805 11.37 4.56 -7.06
CA MET A 805 12.71 4.70 -6.51
C MET A 805 13.57 5.46 -7.52
N PHE A 806 14.60 6.14 -7.05
CA PHE A 806 15.49 6.84 -7.97
C PHE A 806 16.87 7.10 -7.39
N ILE A 807 17.83 7.29 -8.29
CA ILE A 807 19.20 7.63 -7.92
C ILE A 807 19.55 8.84 -8.76
N GLU A 808 20.46 9.66 -8.27
CA GLU A 808 20.85 10.86 -9.01
C GLU A 808 22.20 11.39 -8.57
N ASP A 809 22.78 12.22 -9.41
CA ASP A 809 24.01 12.91 -9.08
C ASP A 809 23.73 14.35 -9.42
N ALA A 810 24.76 15.17 -9.59
CA ALA A 810 24.54 16.57 -9.89
C ALA A 810 23.79 16.84 -11.19
N ASN A 811 23.99 15.98 -12.19
CA ASN A 811 23.36 16.22 -13.49
C ASN A 811 22.32 15.23 -14.00
N THR A 812 22.39 13.98 -13.53
CA THR A 812 21.49 12.96 -14.04
C THR A 812 20.71 12.20 -12.98
N ARG A 813 19.48 11.83 -13.34
CA ARG A 813 18.63 11.06 -12.43
C ARG A 813 17.94 9.95 -13.21
N LEU A 814 17.80 8.80 -12.57
CA LEU A 814 17.09 7.68 -13.17
C LEU A 814 16.02 7.28 -12.16
N THR A 815 14.77 7.34 -12.60
CA THR A 815 13.66 6.98 -11.74
C THR A 815 12.93 5.78 -12.29
N LEU A 816 12.65 4.81 -11.42
CA LEU A 816 11.91 3.62 -11.80
C LEU A 816 10.60 3.66 -11.04
N LEU A 817 9.49 3.78 -11.77
CA LEU A 817 8.17 3.80 -11.14
C LEU A 817 7.59 2.41 -11.26
N THR A 818 6.81 1.99 -10.26
CA THR A 818 6.23 0.65 -10.27
C THR A 818 4.71 0.64 -10.20
N GLY A 819 4.12 -0.44 -10.72
CA GLY A 819 2.68 -0.60 -10.68
C GLY A 819 2.31 -1.60 -9.60
N GLN A 820 3.28 -1.93 -8.75
CA GLN A 820 3.08 -2.88 -7.66
C GLN A 820 4.21 -2.70 -6.64
N PRO A 821 3.92 -2.94 -5.34
CA PRO A 821 4.95 -2.79 -4.32
C PRO A 821 5.88 -4.01 -4.33
N LEU A 822 7.18 -3.73 -4.33
CA LEU A 822 8.21 -4.78 -4.31
C LEU A 822 9.39 -4.28 -3.50
N GLY A 823 10.32 -5.16 -3.17
CA GLY A 823 11.48 -4.75 -2.39
C GLY A 823 12.61 -4.32 -3.29
N GLY A 824 13.43 -3.37 -2.84
CA GLY A 824 14.52 -2.92 -3.67
C GLY A 824 15.62 -2.20 -2.93
N SER A 825 16.66 -1.82 -3.66
CA SER A 825 17.79 -1.13 -3.06
C SER A 825 18.71 -0.58 -4.13
N SER A 826 19.82 0.00 -3.68
CA SER A 826 20.87 0.52 -4.54
C SER A 826 22.10 0.04 -3.79
N LEU A 827 22.59 -1.13 -4.16
CA LEU A 827 23.74 -1.74 -3.49
C LEU A 827 25.10 -1.23 -3.91
N ALA A 828 25.12 -0.38 -4.92
CA ALA A 828 26.36 0.21 -5.41
C ALA A 828 26.04 1.48 -6.18
N SER A 829 26.96 2.43 -6.18
CA SER A 829 26.77 3.69 -6.87
C SER A 829 26.33 3.43 -8.30
N GLY A 830 25.31 4.17 -8.73
CA GLY A 830 24.80 4.03 -10.09
C GLY A 830 23.82 2.90 -10.31
N GLU A 831 23.51 2.13 -9.26
CA GLU A 831 22.58 1.02 -9.43
C GLU A 831 21.23 1.19 -8.77
N LEU A 832 20.27 0.45 -9.30
CA LEU A 832 18.91 0.38 -8.78
C LEU A 832 18.54 -1.08 -8.98
N GLU A 833 17.85 -1.68 -8.02
CA GLU A 833 17.42 -3.05 -8.20
C GLU A 833 16.12 -3.27 -7.46
N ILE A 834 15.29 -4.13 -8.01
CA ILE A 834 13.99 -4.40 -7.42
C ILE A 834 13.64 -5.88 -7.63
N MET A 835 13.27 -6.53 -6.54
CA MET A 835 12.95 -7.96 -6.58
C MET A 835 11.64 -8.22 -7.32
N GLN A 836 11.64 -9.27 -8.13
CA GLN A 836 10.47 -9.63 -8.94
C GLN A 836 9.61 -10.72 -8.28
N ASP A 837 10.25 -11.73 -7.73
CA ASP A 837 9.54 -12.79 -7.03
C ASP A 837 10.56 -13.59 -6.25
N ARG A 838 10.06 -14.38 -5.31
CA ARG A 838 10.91 -15.20 -4.46
C ARG A 838 10.18 -16.49 -4.12
N ARG A 839 10.88 -17.60 -4.24
CA ARG A 839 10.33 -18.92 -3.94
C ARG A 839 11.25 -19.51 -2.89
N LEU A 840 10.71 -19.72 -1.69
CA LEU A 840 11.48 -20.25 -0.56
C LEU A 840 10.91 -21.55 -0.01
N ALA A 841 11.76 -22.56 0.11
CA ALA A 841 11.34 -23.86 0.59
C ALA A 841 11.13 -23.99 2.09
N SER A 842 11.83 -23.19 2.88
CA SER A 842 11.68 -23.30 4.32
C SER A 842 10.96 -22.15 5.02
N ASP A 843 10.54 -22.44 6.25
CA ASP A 843 9.85 -21.49 7.11
C ASP A 843 10.93 -20.65 7.79
N ASP A 844 10.63 -19.38 8.07
CA ASP A 844 11.61 -18.51 8.72
C ASP A 844 11.35 -18.23 10.20
N GLU A 845 10.88 -19.25 10.90
CA GLU A 845 10.63 -19.19 12.34
C GLU A 845 9.85 -18.01 12.89
N ARG A 846 8.84 -17.55 12.15
CA ARG A 846 8.03 -16.44 12.64
C ARG A 846 6.57 -16.88 12.82
N GLY A 847 6.35 -18.20 12.84
CA GLY A 847 5.01 -18.72 13.04
C GLY A 847 4.18 -19.15 11.86
N LEU A 848 4.58 -18.75 10.65
CA LEU A 848 3.81 -19.09 9.46
C LEU A 848 3.73 -20.61 9.25
N GLY A 849 4.81 -21.31 9.54
CA GLY A 849 4.80 -22.76 9.39
C GLY A 849 4.91 -23.28 7.97
N GLN A 850 5.42 -22.45 7.07
CA GLN A 850 5.59 -22.85 5.68
C GLN A 850 6.48 -21.84 4.96
N GLY A 851 7.04 -22.27 3.82
CA GLY A 851 7.86 -21.38 3.04
C GLY A 851 6.92 -20.71 2.06
N VAL A 852 7.46 -20.28 0.93
CA VAL A 852 6.65 -19.63 -0.10
C VAL A 852 6.87 -20.45 -1.37
N LEU A 853 5.93 -21.35 -1.64
CA LEU A 853 6.01 -22.23 -2.79
C LEU A 853 4.76 -22.16 -3.67
N ASP A 854 3.93 -21.15 -3.44
CA ASP A 854 2.70 -21.00 -4.21
C ASP A 854 2.76 -19.92 -5.27
N ASN A 855 3.96 -19.69 -5.80
CA ASN A 855 4.17 -18.69 -6.83
C ASN A 855 3.30 -18.96 -8.04
N LYS A 856 2.92 -17.90 -8.73
CA LYS A 856 2.11 -17.99 -9.93
C LYS A 856 2.55 -16.86 -10.85
N PRO A 857 2.39 -17.01 -12.17
CA PRO A 857 2.78 -15.96 -13.11
C PRO A 857 2.17 -14.61 -12.77
N VAL A 858 2.99 -13.57 -12.82
CA VAL A 858 2.53 -12.22 -12.52
C VAL A 858 3.14 -11.25 -13.53
N LEU A 859 2.36 -10.27 -13.95
CA LEU A 859 2.84 -9.27 -14.89
C LEU A 859 3.16 -7.98 -14.15
N HIS A 860 4.45 -7.75 -13.90
CA HIS A 860 4.88 -6.53 -13.23
C HIS A 860 5.05 -5.43 -14.25
N ILE A 861 4.65 -4.21 -13.90
CA ILE A 861 4.78 -3.10 -14.83
C ILE A 861 5.56 -1.95 -14.20
N TYR A 862 6.26 -1.22 -15.06
CA TYR A 862 7.09 -0.09 -14.64
C TYR A 862 7.22 0.98 -15.71
N ARG A 863 7.76 2.13 -15.32
CA ARG A 863 8.07 3.20 -16.25
C ARG A 863 9.51 3.56 -15.87
N LEU A 864 10.37 3.73 -16.85
CA LEU A 864 11.78 4.05 -16.61
C LEU A 864 12.05 5.45 -17.13
N VAL A 865 12.34 6.38 -16.22
CA VAL A 865 12.56 7.77 -16.58
C VAL A 865 13.98 8.27 -16.34
N LEU A 866 14.71 8.53 -17.43
CA LEU A 866 16.06 9.08 -17.35
C LEU A 866 15.90 10.57 -17.62
N GLU A 867 16.47 11.41 -16.77
CA GLU A 867 16.34 12.86 -16.93
C GLU A 867 17.57 13.62 -16.51
N LYS A 868 17.68 14.84 -17.05
CA LYS A 868 18.77 15.74 -16.68
C LYS A 868 18.16 16.56 -15.56
N VAL A 869 18.86 16.67 -14.44
CA VAL A 869 18.33 17.41 -13.31
C VAL A 869 19.22 18.54 -12.81
N ASN A 870 20.26 18.87 -13.58
CA ASN A 870 21.17 19.93 -13.19
C ASN A 870 20.50 21.29 -13.04
N ASN A 871 19.36 21.47 -13.71
CA ASN A 871 18.64 22.74 -13.64
C ASN A 871 17.51 22.75 -12.61
N CYS A 872 17.24 21.59 -12.02
CA CYS A 872 16.16 21.49 -11.04
C CYS A 872 16.51 22.07 -9.68
N VAL A 873 15.55 22.71 -9.04
CA VAL A 873 15.76 23.27 -7.71
C VAL A 873 15.48 22.13 -6.74
N ARG A 874 16.55 21.48 -6.27
CA ARG A 874 16.43 20.37 -5.35
C ARG A 874 16.73 20.73 -3.90
N PRO A 875 16.31 19.86 -2.96
CA PRO A 875 16.55 20.11 -1.54
C PRO A 875 18.05 20.12 -1.28
N SER A 876 18.46 20.73 -0.17
CA SER A 876 19.88 20.77 0.17
C SER A 876 20.34 19.36 0.51
N LYS A 877 21.65 19.19 0.64
CA LYS A 877 22.23 17.90 0.95
C LYS A 877 21.78 17.33 2.28
N LEU A 878 21.32 18.19 3.19
CA LEU A 878 20.89 17.75 4.51
C LEU A 878 19.39 17.49 4.63
N HIS A 879 18.65 17.74 3.55
CA HIS A 879 17.20 17.52 3.58
C HIS A 879 16.92 16.01 3.46
N PRO A 880 16.04 15.48 4.32
CA PRO A 880 15.70 14.05 4.31
C PRO A 880 14.75 13.59 3.21
N ALA A 881 14.19 14.53 2.46
CA ALA A 881 13.25 14.15 1.40
C ALA A 881 13.76 14.36 -0.01
N GLY A 882 13.01 13.80 -0.94
CA GLY A 882 13.30 13.93 -2.36
C GLY A 882 11.96 14.12 -3.04
N TYR A 883 11.96 14.67 -4.26
CA TYR A 883 10.74 14.89 -4.99
C TYR A 883 10.85 14.51 -6.46
N LEU A 884 9.74 14.03 -7.01
CA LEU A 884 9.70 13.63 -8.40
C LEU A 884 9.60 14.82 -9.32
N THR A 885 9.90 14.58 -10.59
CA THR A 885 9.80 15.60 -11.62
C THR A 885 8.41 15.38 -12.20
N SER A 886 7.95 16.32 -13.01
CA SER A 886 6.64 16.21 -13.63
C SER A 886 6.52 14.91 -14.43
N ALA A 887 7.53 14.62 -15.25
CA ALA A 887 7.49 13.42 -16.08
C ALA A 887 7.42 12.14 -15.26
N ALA A 888 8.17 12.08 -14.16
CA ALA A 888 8.17 10.89 -13.32
C ALA A 888 6.83 10.72 -12.61
N HIS A 889 6.26 11.83 -12.16
CA HIS A 889 4.98 11.77 -11.49
C HIS A 889 3.90 11.32 -12.46
N LYS A 890 3.89 11.89 -13.66
CA LYS A 890 2.89 11.48 -14.64
C LYS A 890 3.09 10.01 -15.02
N ALA A 891 4.34 9.56 -15.07
CA ALA A 891 4.62 8.16 -15.39
C ALA A 891 4.04 7.25 -14.30
N SER A 892 4.15 7.68 -13.04
CA SER A 892 3.61 6.89 -11.95
C SER A 892 2.09 6.82 -12.10
N GLN A 893 1.47 7.96 -12.43
CA GLN A 893 0.02 7.99 -12.60
C GLN A 893 -0.42 7.09 -13.76
N SER A 894 0.39 6.95 -14.79
CA SER A 894 0.05 6.11 -15.94
C SER A 894 -0.02 4.64 -15.54
N LEU A 895 0.72 4.28 -14.49
CA LEU A 895 0.76 2.90 -14.01
C LEU A 895 -0.34 2.61 -12.99
N LEU A 896 -0.51 3.51 -12.03
CA LEU A 896 -1.49 3.33 -10.97
C LEU A 896 -2.93 3.67 -11.34
N ASP A 897 -3.12 4.70 -12.15
CA ASP A 897 -4.47 5.11 -12.53
C ASP A 897 -4.60 5.36 -14.03
N PRO A 898 -4.46 4.30 -14.83
CA PRO A 898 -4.56 4.45 -16.28
C PRO A 898 -6.00 4.72 -16.70
N LEU A 899 -6.21 4.98 -17.98
CA LEU A 899 -7.56 5.18 -18.47
C LEU A 899 -8.27 3.83 -18.37
N ASP A 900 -9.57 3.86 -18.11
CA ASP A 900 -10.34 2.64 -18.04
C ASP A 900 -10.97 2.48 -19.41
N LYS A 901 -11.10 1.24 -19.87
CA LYS A 901 -11.65 0.99 -21.20
C LYS A 901 -12.91 0.13 -21.13
N PHE A 902 -13.95 0.56 -21.83
CA PHE A 902 -15.22 -0.15 -21.85
C PHE A 902 -15.62 -0.50 -23.27
N ILE A 903 -16.09 -1.72 -23.48
CA ILE A 903 -16.53 -2.18 -24.80
C ILE A 903 -18.05 -2.36 -24.73
N PHE A 904 -18.80 -1.65 -25.58
CA PHE A 904 -20.25 -1.80 -25.56
C PHE A 904 -20.58 -3.25 -25.92
N ALA A 905 -21.41 -3.88 -25.09
CA ALA A 905 -21.78 -5.28 -25.28
C ALA A 905 -22.74 -5.58 -26.44
N GLU A 906 -23.83 -4.82 -26.52
CA GLU A 906 -24.83 -5.02 -27.57
C GLU A 906 -24.37 -4.55 -28.94
N ASN A 907 -25.15 -4.87 -29.98
CA ASN A 907 -24.78 -4.46 -31.32
C ASN A 907 -24.97 -2.97 -31.56
N GLU A 908 -26.01 -2.39 -30.97
CA GLU A 908 -26.27 -0.96 -31.15
C GLU A 908 -26.56 -0.25 -29.83
N TRP A 909 -25.95 0.92 -29.67
CA TRP A 909 -26.12 1.74 -28.49
C TRP A 909 -26.97 2.96 -28.86
N ILE A 910 -28.27 2.87 -28.62
CA ILE A 910 -29.19 3.95 -28.94
C ILE A 910 -29.03 5.11 -27.96
N GLY A 911 -28.94 6.33 -28.50
CA GLY A 911 -28.80 7.50 -27.66
C GLY A 911 -27.39 7.74 -27.14
N ALA A 912 -26.41 7.05 -27.72
CA ALA A 912 -25.02 7.19 -27.30
C ALA A 912 -24.53 8.64 -27.44
N GLN A 913 -23.71 9.06 -26.49
CA GLN A 913 -23.13 10.39 -26.49
C GLN A 913 -21.62 10.24 -26.59
N GLY A 914 -20.95 11.23 -27.17
CA GLY A 914 -19.51 11.12 -27.35
C GLY A 914 -18.60 11.55 -26.23
N GLN A 915 -19.12 12.23 -25.22
CA GLN A 915 -18.24 12.68 -24.16
C GLN A 915 -18.97 13.11 -22.90
N PHE A 916 -18.25 13.03 -21.78
CA PHE A 916 -18.78 13.45 -20.48
C PHE A 916 -17.63 14.14 -19.75
N GLY A 917 -17.95 15.27 -19.11
CA GLY A 917 -16.94 16.01 -18.36
C GLY A 917 -16.13 17.02 -19.13
N GLY A 918 -16.56 17.35 -20.35
CA GLY A 918 -15.83 18.32 -21.14
C GLY A 918 -15.73 19.67 -20.46
N ASP A 919 -16.64 19.93 -19.52
CA ASP A 919 -16.66 21.19 -18.80
C ASP A 919 -16.00 21.10 -17.43
N HIS A 920 -15.43 19.94 -17.10
CA HIS A 920 -14.76 19.77 -15.81
C HIS A 920 -13.46 20.55 -15.84
N PRO A 921 -13.12 21.24 -14.73
CA PRO A 921 -11.88 22.00 -14.70
C PRO A 921 -10.67 21.07 -14.83
N SER A 922 -9.66 21.52 -15.57
CA SER A 922 -8.45 20.73 -15.75
C SER A 922 -7.44 21.31 -14.77
N ALA A 923 -7.33 20.67 -13.61
CA ALA A 923 -6.46 21.12 -12.53
C ALA A 923 -4.96 20.99 -12.79
N ARG A 924 -4.18 21.76 -12.04
CA ARG A 924 -2.73 21.75 -12.14
C ARG A 924 -2.25 20.30 -11.96
N GLU A 925 -1.22 19.94 -12.70
CA GLU A 925 -0.68 18.57 -12.70
C GLU A 925 -0.32 17.94 -11.37
N ASP A 926 0.03 18.75 -10.36
CA ASP A 926 0.39 18.17 -9.07
C ASP A 926 -0.80 17.95 -8.15
N LEU A 927 -2.00 18.26 -8.63
CA LEU A 927 -3.20 18.09 -7.82
C LEU A 927 -4.00 16.87 -8.28
N ASP A 928 -4.53 16.12 -7.34
CA ASP A 928 -5.34 14.95 -7.68
C ASP A 928 -6.56 14.88 -6.78
N VAL A 929 -7.64 14.35 -7.33
CA VAL A 929 -8.88 14.12 -6.58
C VAL A 929 -8.74 12.63 -6.29
N SER A 930 -8.05 12.33 -5.18
CA SER A 930 -7.78 10.97 -4.76
C SER A 930 -9.04 10.14 -4.56
N VAL A 931 -10.06 10.80 -4.03
CA VAL A 931 -11.34 10.16 -3.77
C VAL A 931 -12.52 11.06 -4.06
N MET A 932 -13.53 10.49 -4.69
CA MET A 932 -14.79 11.18 -4.94
C MET A 932 -15.79 10.10 -4.53
N ARG A 933 -16.58 10.38 -3.50
CA ARG A 933 -17.54 9.41 -2.99
C ARG A 933 -18.83 10.05 -2.52
N ARG A 934 -19.96 9.64 -3.11
CA ARG A 934 -21.24 10.19 -2.66
C ARG A 934 -21.45 9.50 -1.32
N LEU A 935 -21.76 10.31 -0.31
CA LEU A 935 -21.93 9.82 1.05
C LEU A 935 -23.36 9.56 1.49
N THR A 936 -24.32 9.91 0.62
CA THR A 936 -25.73 9.73 0.95
C THR A 936 -26.44 8.83 -0.04
N LYS A 937 -27.49 8.16 0.43
CA LYS A 937 -28.30 7.30 -0.41
C LYS A 937 -29.38 8.20 -1.03
N SER A 938 -30.08 7.68 -2.04
CA SER A 938 -31.08 8.48 -2.75
C SER A 938 -32.21 9.10 -1.92
N SER A 939 -32.57 8.47 -0.81
CA SER A 939 -33.67 9.00 0.01
C SER A 939 -33.33 10.27 0.80
N ALA A 940 -32.06 10.61 0.90
CA ALA A 940 -31.65 11.80 1.63
C ALA A 940 -32.02 13.09 0.91
N LYS A 941 -32.78 13.94 1.57
CA LYS A 941 -33.20 15.21 0.98
C LYS A 941 -31.98 16.03 0.58
N THR A 942 -30.99 16.06 1.46
CA THR A 942 -29.76 16.80 1.19
C THR A 942 -28.65 15.80 0.85
N GLN A 943 -28.26 15.79 -0.42
CA GLN A 943 -27.21 14.89 -0.87
C GLN A 943 -25.84 15.42 -0.47
N ARG A 944 -24.93 14.51 -0.15
CA ARG A 944 -23.58 14.89 0.24
C ARG A 944 -22.55 14.10 -0.57
N VAL A 945 -21.55 14.80 -1.06
CA VAL A 945 -20.49 14.16 -1.83
C VAL A 945 -19.15 14.56 -1.23
N GLY A 946 -18.33 13.56 -0.92
CA GLY A 946 -17.04 13.82 -0.33
C GLY A 946 -15.89 13.70 -1.32
N TYR A 947 -14.89 14.54 -1.13
CA TYR A 947 -13.71 14.54 -1.98
C TYR A 947 -12.45 14.58 -1.14
N VAL A 948 -11.45 13.82 -1.55
CA VAL A 948 -10.16 13.87 -0.88
C VAL A 948 -9.25 14.46 -1.96
N LEU A 949 -8.67 15.61 -1.64
CA LEU A 949 -7.78 16.32 -2.55
C LEU A 949 -6.34 16.23 -2.09
N HIS A 950 -5.46 15.73 -2.95
CA HIS A 950 -4.06 15.64 -2.60
C HIS A 950 -3.18 16.38 -3.59
N ARG A 951 -2.26 17.18 -3.06
CA ARG A 951 -1.34 17.90 -3.92
C ARG A 951 0.05 17.40 -3.57
N THR A 952 0.75 16.84 -4.55
CA THR A 952 2.11 16.36 -4.31
C THR A 952 3.02 17.55 -4.55
N ASN A 953 4.33 17.33 -4.58
CA ASN A 953 5.26 18.41 -4.84
C ASN A 953 6.22 17.96 -5.93
N LEU A 954 6.20 18.68 -7.04
CA LEU A 954 7.05 18.35 -8.18
C LEU A 954 8.17 19.36 -8.29
N MET A 955 9.36 18.90 -8.65
CA MET A 955 10.49 19.79 -8.77
C MET A 955 10.35 20.78 -9.91
N GLN A 956 10.81 21.99 -9.67
CA GLN A 956 10.78 23.03 -10.67
C GLN A 956 12.13 22.94 -11.36
N CYS A 957 12.11 22.62 -12.65
CA CYS A 957 13.35 22.49 -13.41
C CYS A 957 13.42 23.43 -14.61
N GLY A 958 12.64 24.50 -14.57
CA GLY A 958 12.67 25.47 -15.66
C GLY A 958 11.61 25.33 -16.72
N THR A 959 10.62 24.48 -16.49
CA THR A 959 9.54 24.30 -17.48
C THR A 959 8.38 25.21 -17.10
N PRO A 960 8.00 26.13 -18.00
CA PRO A 960 6.90 27.08 -17.80
C PRO A 960 5.68 26.48 -17.12
N GLU A 961 5.13 25.42 -17.71
CA GLU A 961 3.94 24.75 -17.15
C GLU A 961 2.90 25.80 -16.77
N GLU A 962 2.03 26.14 -17.72
CA GLU A 962 1.00 27.14 -17.47
C GLU A 962 -0.43 26.66 -17.68
N HIS A 963 -1.27 27.58 -18.14
CA HIS A 963 -2.69 27.36 -18.41
C HIS A 963 -3.39 26.17 -17.76
N THR A 964 -3.88 26.39 -16.54
CA THR A 964 -4.61 25.39 -15.78
C THR A 964 -5.70 26.10 -15.00
N GLN A 965 -6.86 25.46 -14.86
CA GLN A 965 -7.98 26.07 -14.14
C GLN A 965 -8.02 25.69 -12.67
N LYS A 966 -8.58 26.56 -11.85
CA LYS A 966 -8.70 26.29 -10.43
C LYS A 966 -9.75 25.20 -10.26
N LEU A 967 -9.45 24.22 -9.41
CA LEU A 967 -10.38 23.14 -9.19
C LEU A 967 -11.13 23.34 -7.89
N ASP A 968 -12.43 23.54 -7.99
CA ASP A 968 -13.30 23.72 -6.83
C ASP A 968 -14.22 22.50 -6.82
N VAL A 969 -13.82 21.47 -6.08
CA VAL A 969 -14.62 20.25 -6.06
C VAL A 969 -16.04 20.46 -5.56
N CYS A 970 -16.26 21.48 -4.75
CA CYS A 970 -17.60 21.72 -4.24
C CYS A 970 -18.60 22.18 -5.30
N HIS A 971 -18.11 22.58 -6.46
CA HIS A 971 -19.02 23.01 -7.53
C HIS A 971 -19.02 22.04 -8.71
N LEU A 972 -18.50 20.83 -8.51
CA LEU A 972 -18.48 19.83 -9.58
C LEU A 972 -19.89 19.33 -9.83
N LEU A 973 -20.73 19.36 -8.80
CA LEU A 973 -22.12 18.95 -8.91
C LEU A 973 -22.97 20.21 -8.71
N PRO A 974 -24.10 20.31 -9.42
CA PRO A 974 -24.98 21.47 -9.32
C PRO A 974 -25.79 21.57 -8.04
N ASN A 975 -26.39 22.74 -7.82
CA ASN A 975 -27.24 22.99 -6.67
C ASN A 975 -26.51 22.83 -5.33
N VAL A 976 -25.30 23.36 -5.25
CA VAL A 976 -24.54 23.26 -4.00
C VAL A 976 -25.13 24.21 -2.96
N ALA A 977 -25.47 23.65 -1.79
CA ALA A 977 -26.06 24.41 -0.70
C ALA A 977 -25.02 24.77 0.37
N ARG A 978 -23.94 24.00 0.42
CA ARG A 978 -22.87 24.26 1.37
C ARG A 978 -21.63 23.44 1.06
N CYS A 979 -20.49 23.96 1.49
CA CYS A 979 -19.20 23.31 1.29
C CYS A 979 -18.47 23.32 2.62
N GLU A 980 -18.01 22.15 3.05
CA GLU A 980 -17.32 22.05 4.32
C GLU A 980 -16.01 21.29 4.20
N ARG A 981 -15.01 21.72 4.97
CA ARG A 981 -13.74 21.02 4.99
C ARG A 981 -13.94 20.01 6.12
N THR A 982 -13.52 18.77 5.90
CA THR A 982 -13.70 17.73 6.90
C THR A 982 -12.42 16.96 7.15
N THR A 983 -12.45 16.08 8.14
CA THR A 983 -11.32 15.21 8.41
C THR A 983 -11.28 14.30 7.18
N LEU A 984 -10.16 13.65 6.91
CA LEU A 984 -10.05 12.81 5.73
C LEU A 984 -11.03 11.65 5.63
N THR A 985 -11.64 11.29 6.75
CA THR A 985 -12.60 10.20 6.80
C THR A 985 -14.02 10.73 6.57
N PHE A 986 -14.14 12.05 6.44
CA PHE A 986 -15.43 12.74 6.21
C PHE A 986 -16.31 12.71 7.46
N LEU A 987 -15.79 12.24 8.58
CA LEU A 987 -16.59 12.11 9.78
C LEU A 987 -16.77 13.34 10.66
N GLN A 988 -15.91 14.35 10.51
CA GLN A 988 -16.06 15.56 11.30
C GLN A 988 -15.92 16.81 10.44
N ASN A 989 -16.81 17.77 10.63
CA ASN A 989 -16.74 19.01 9.87
C ASN A 989 -15.77 19.94 10.59
N LEU A 990 -14.80 20.46 9.85
CA LEU A 990 -13.79 21.34 10.41
C LEU A 990 -13.98 22.81 10.04
N GLU A 991 -14.56 23.06 8.87
CA GLU A 991 -14.77 24.43 8.41
C GLU A 991 -15.96 24.62 7.49
N HIS A 992 -16.66 25.73 7.67
CA HIS A 992 -17.79 26.07 6.81
C HIS A 992 -17.18 27.05 5.83
N LEU A 993 -17.05 26.62 4.58
CA LEU A 993 -16.44 27.43 3.53
C LEU A 993 -17.35 28.46 2.89
N ASP A 994 -16.95 29.72 2.98
CA ASP A 994 -17.73 30.81 2.41
C ASP A 994 -17.76 30.72 0.89
N GLY A 995 -18.88 31.11 0.29
CA GLY A 995 -19.01 31.04 -1.15
C GLY A 995 -19.16 29.61 -1.61
N MET A 996 -19.20 28.69 -0.64
CA MET A 996 -19.34 27.27 -0.94
C MET A 996 -18.21 26.83 -1.87
N VAL A 997 -17.04 27.43 -1.68
CA VAL A 997 -15.88 27.12 -2.49
C VAL A 997 -14.81 26.35 -1.73
N ALA A 998 -14.42 25.20 -2.29
CA ALA A 998 -13.38 24.38 -1.68
C ALA A 998 -12.04 24.80 -2.28
N PRO A 999 -11.21 25.50 -1.49
CA PRO A 999 -9.90 25.96 -1.98
C PRO A 999 -8.93 24.81 -2.18
N GLU A 1000 -7.98 24.99 -3.09
CA GLU A 1000 -7.00 23.95 -3.35
C GLU A 1000 -6.05 23.86 -2.17
N VAL A 1001 -5.31 22.75 -2.09
CA VAL A 1001 -4.39 22.54 -0.98
C VAL A 1001 -2.94 22.86 -1.34
N CYS A 1002 -2.10 22.92 -0.32
CA CYS A 1002 -0.68 23.22 -0.48
C CYS A 1002 0.11 21.98 -0.89
N PRO A 1003 1.36 22.17 -1.39
CA PRO A 1003 2.16 21.01 -1.78
C PRO A 1003 2.35 20.07 -0.60
N MET A 1004 2.19 18.77 -0.87
CA MET A 1004 2.33 17.70 0.12
C MET A 1004 1.19 17.67 1.15
N GLU A 1005 0.15 18.45 0.88
CA GLU A 1005 -1.00 18.49 1.78
C GLU A 1005 -2.15 17.70 1.18
N THR A 1006 -3.02 17.21 2.06
CA THR A 1006 -4.20 16.44 1.67
C THR A 1006 -5.35 17.00 2.49
N ALA A 1007 -6.46 17.30 1.82
CA ALA A 1007 -7.63 17.83 2.51
C ALA A 1007 -8.86 17.10 2.01
N ALA A 1008 -9.93 17.16 2.81
CA ALA A 1008 -11.17 16.52 2.42
C ALA A 1008 -12.26 17.56 2.47
N TYR A 1009 -13.18 17.49 1.52
CA TYR A 1009 -14.30 18.42 1.48
C TYR A 1009 -15.58 17.67 1.19
N VAL A 1010 -16.68 18.18 1.71
CA VAL A 1010 -17.97 17.56 1.48
C VAL A 1010 -18.90 18.67 0.98
N SER A 1011 -19.50 18.44 -0.17
CA SER A 1011 -20.44 19.42 -0.72
C SER A 1011 -21.85 18.87 -0.48
N SER A 1012 -22.75 19.76 -0.10
CA SER A 1012 -24.14 19.39 0.16
C SER A 1012 -24.98 19.96 -0.97
N HIS A 1013 -25.94 19.19 -1.46
CA HIS A 1013 -26.77 19.62 -2.56
C HIS A 1013 -28.25 19.45 -2.25
N SER A 1014 -29.03 20.47 -2.55
CA SER A 1014 -30.46 20.46 -2.30
C SER A 1014 -31.25 19.88 -3.46
C1 NAG B . -23.17 10.29 20.67
C2 NAG B . -24.61 10.47 21.13
C3 NAG B . -24.89 11.93 21.50
C4 NAG B . -23.86 12.42 22.50
C5 NAG B . -22.45 12.17 21.96
C6 NAG B . -21.36 12.58 22.96
C7 NAG B . -26.14 8.86 20.15
C8 NAG B . -27.50 8.84 20.83
N2 NAG B . -25.53 10.04 20.08
O3 NAG B . -26.19 12.04 22.06
O4 NAG B . -24.05 13.80 22.74
O5 NAG B . -22.26 10.77 21.68
O6 NAG B . -20.09 12.65 22.31
O7 NAG B . -25.66 7.83 19.70
ZN ZN C . -0.63 -9.70 13.51
C4 DMJ D . 2.36 -12.03 12.33
O4 DMJ D . 2.73 -11.80 10.97
C3 DMJ D . 0.87 -12.38 12.43
O3 DMJ D . 0.12 -11.26 11.95
C2 DMJ D . 0.41 -12.76 13.90
O2 DMJ D . 0.22 -11.61 14.72
C1 DMJ D . 1.36 -13.73 14.57
N5 DMJ D . 2.81 -13.44 14.30
C5 DMJ D . 3.17 -13.15 12.88
C6 DMJ D . 4.68 -12.90 12.86
O6 DMJ D . 5.48 -13.60 13.79
C1 MRD E . 17.25 -12.37 22.12
C2 MRD E . 15.76 -12.26 22.04
O2 MRD E . 15.41 -10.86 21.88
CM MRD E . 15.21 -13.02 20.87
C3 MRD E . 15.15 -12.75 23.38
C4 MRD E . 13.69 -12.41 23.70
O4 MRD E . 13.57 -12.05 25.06
C5 MRD E . 12.80 -13.62 23.48
#